data_1AJP
#
_entry.id   1AJP
#
_cell.length_a   52.120
_cell.length_b   65.080
_cell.length_c   76.300
_cell.angle_alpha   100.20
_cell.angle_beta   111.44
_cell.angle_gamma   105.81
#
_symmetry.space_group_name_H-M   'P 1'
#
loop_
_entity.id
_entity.type
_entity.pdbx_description
1 polymer 'PENICILLIN AMIDOHYDROLASE'
2 polymer 'PENICILLIN AMIDOHYDROLASE'
3 non-polymer '2-(3,6-DIHYDROXYPHENYL)ACETIC ACID'
4 non-polymer 'CALCIUM ION'
5 water water
#
loop_
_entity_poly.entity_id
_entity_poly.type
_entity_poly.pdbx_seq_one_letter_code
_entity_poly.pdbx_strand_id
1 'polypeptide(L)'
;EQSSSEIKIVRDEYGMPHIYANDTWHLFYGYGYVVAQDRLFQMEMARRSTQGTVAEVLGKDFVKFDKDIRRNYWPDAIRA
QIAALSPEDMSILQGYADGMNAWIDKVNTNPETLLPKQFNTFGFTPKRWEPFDVAMIFVGTMANRFSDSTSEIDNLALLT
ALKDKYGVSQGMAVFNQLKWLVNPSAPTTIAVQESNYPLKFNQQNSQTA
;
A
2 'polypeptide(L)'
;SNMWVIGKSKAQDAKAIMVNGPQFGWYAPAYTYGIGLHGAGYDVTGNTPFAYPGLVFGHNGVISWGSTAGFGDDVDIFAE
RLSAEKPGYYLHNGKWVKMLSREETITVKNGQAETFTVWRTVHGNILQTDQTTQTAYAKSRAWDGKEVASLLAWTHQMKA
KNWQQWTQQAAKQALTINWYYADVNGNIGYVHTGAYPDRQSGHDPRLPVPGTGKWDWKGLLPFEMNPKVYNPQSGYIANW
NNSPQKDYPASDLFAFLWGGADRVTEIDRLLEQKPRLTADQAWDVIRQTSRQDLNLRLFLPTLQAATSGLTQSDPRRQLV
ETLTRWDGINLLNDDGKTWQQPGSAILNVWLTSMLKRTVVAAVPMPFDKWYSASGYETTQDGPTGSLNISVGAKILYEAV
QGDKSPIPQAVDLFAGKPQQEVVLAALEDTWETLSKRYGNNVSNWKTPAMALTFRANNFFGVPQAAAEETRHQAEYQNRG
TENDMIVFSPTTSDRPVLAWDVVAPGQSGFIAPDGTVDKHYEDQLKMYENFGRKSLWLTKQDVEAHKESQEVLHVQR
;
B
#
# COMPACT_ATOMS: atom_id res chain seq x y z
N SER A 3 -9.85 33.34 22.85
CA SER A 3 -9.68 34.06 21.55
C SER A 3 -9.86 33.20 20.30
N SER A 4 -10.74 33.71 19.43
CA SER A 4 -10.96 33.16 18.11
C SER A 4 -9.81 33.35 17.13
N SER A 5 -8.85 34.23 17.42
CA SER A 5 -7.78 34.48 16.48
C SER A 5 -6.50 33.76 16.91
N GLU A 6 -6.59 33.12 18.06
CA GLU A 6 -5.40 32.48 18.64
C GLU A 6 -5.18 31.03 18.21
N ILE A 7 -3.95 30.73 17.81
CA ILE A 7 -3.57 29.33 17.56
C ILE A 7 -2.40 28.97 18.45
N LYS A 8 -2.51 28.03 19.33
CA LYS A 8 -1.41 27.63 20.19
C LYS A 8 -0.81 26.29 19.69
N ILE A 9 0.48 26.25 19.49
CA ILE A 9 1.22 25.07 19.05
C ILE A 9 2.20 24.61 20.15
N VAL A 10 1.95 23.45 20.71
CA VAL A 10 2.78 22.78 21.71
C VAL A 10 3.48 21.56 21.10
N ARG A 11 4.82 21.53 21.15
CA ARG A 11 5.57 20.37 20.62
C ARG A 11 6.03 19.45 21.76
N ASP A 12 5.95 18.12 21.61
CA ASP A 12 6.35 17.29 22.77
C ASP A 12 7.83 16.97 22.77
N GLU A 13 8.23 16.00 23.60
CA GLU A 13 9.66 15.63 23.62
C GLU A 13 10.14 15.00 22.33
N TYR A 14 9.26 14.57 21.41
CA TYR A 14 9.77 14.04 20.15
C TYR A 14 9.52 15.05 19.07
N GLY A 15 9.04 16.25 19.42
CA GLY A 15 8.98 17.29 18.37
C GLY A 15 7.60 17.23 17.74
N MET A 16 6.75 16.34 18.22
CA MET A 16 5.40 16.21 17.65
C MET A 16 4.50 17.37 18.06
N PRO A 17 3.97 18.09 17.11
CA PRO A 17 3.10 19.24 17.31
C PRO A 17 1.68 18.90 17.68
N HIS A 18 1.09 19.52 18.68
CA HIS A 18 -0.31 19.56 19.02
C HIS A 18 -0.93 20.96 18.81
N ILE A 19 -2.01 21.05 18.04
CA ILE A 19 -2.63 22.29 17.60
C ILE A 19 -3.92 22.52 18.41
N TYR A 20 -3.99 23.70 19.05
CA TYR A 20 -5.12 24.15 19.82
C TYR A 20 -5.67 25.40 19.09
N ALA A 21 -6.92 25.35 18.69
CA ALA A 21 -7.52 26.47 17.96
C ALA A 21 -9.03 26.33 18.10
N ASN A 22 -9.81 27.34 17.80
CA ASN A 22 -11.24 27.33 18.10
C ASN A 22 -12.10 27.16 16.86
N ASP A 23 -11.58 27.37 15.67
CA ASP A 23 -12.47 27.07 14.54
C ASP A 23 -11.65 26.27 13.52
N THR A 24 -12.36 25.76 12.53
CA THR A 24 -11.77 24.96 11.48
C THR A 24 -10.61 25.61 10.80
N TRP A 25 -10.83 26.80 10.27
CA TRP A 25 -9.80 27.51 9.52
C TRP A 25 -8.56 27.72 10.38
N HIS A 26 -8.70 28.08 11.66
CA HIS A 26 -7.54 28.27 12.51
C HIS A 26 -6.81 26.95 12.82
N LEU A 27 -7.53 25.88 13.10
CA LEU A 27 -6.98 24.56 13.36
C LEU A 27 -6.14 24.01 12.21
N PHE A 28 -6.65 24.10 10.97
CA PHE A 28 -5.89 23.56 9.84
C PHE A 28 -4.81 24.50 9.39
N TYR A 29 -4.95 25.76 9.83
CA TYR A 29 -3.87 26.73 9.49
C TYR A 29 -2.68 26.37 10.36
N GLY A 30 -2.97 26.05 11.63
CA GLY A 30 -1.89 25.61 12.51
C GLY A 30 -1.17 24.37 11.94
N TYR A 31 -1.97 23.39 11.45
CA TYR A 31 -1.40 22.14 10.96
C TYR A 31 -0.48 22.42 9.79
N GLY A 32 -0.95 23.20 8.83
CA GLY A 32 -0.17 23.54 7.63
C GLY A 32 1.16 24.20 7.97
N TYR A 33 1.14 25.08 8.97
CA TYR A 33 2.22 25.89 9.46
C TYR A 33 3.33 25.01 10.08
N VAL A 34 2.98 24.06 10.93
CA VAL A 34 3.99 23.13 11.45
C VAL A 34 4.47 22.17 10.34
N VAL A 35 3.64 21.81 9.36
CA VAL A 35 4.14 20.97 8.26
C VAL A 35 5.23 21.67 7.47
N ALA A 36 4.97 22.94 7.11
CA ALA A 36 5.95 23.79 6.43
C ALA A 36 7.21 23.96 7.30
N GLN A 37 7.06 23.94 8.63
CA GLN A 37 8.23 24.01 9.50
C GLN A 37 9.09 22.76 9.43
N ASP A 38 8.45 21.58 9.51
CA ASP A 38 9.10 20.30 9.59
C ASP A 38 9.50 19.66 8.26
N ARG A 39 8.64 19.76 7.25
CA ARG A 39 8.80 19.00 6.02
C ARG A 39 8.67 19.80 4.72
N LEU A 40 9.14 21.04 4.65
CA LEU A 40 8.96 21.83 3.44
C LEU A 40 9.58 21.29 2.18
N PHE A 41 10.83 20.83 2.14
CA PHE A 41 11.36 20.28 0.87
C PHE A 41 10.64 18.99 0.44
N GLN A 42 10.34 18.10 1.35
CA GLN A 42 9.66 16.85 1.05
C GLN A 42 8.28 17.18 0.45
N MET A 43 7.57 18.13 1.06
CA MET A 43 6.25 18.53 0.57
C MET A 43 6.30 19.20 -0.80
N GLU A 44 7.38 19.95 -1.05
CA GLU A 44 7.47 20.63 -2.36
C GLU A 44 7.81 19.63 -3.48
N MET A 45 8.62 18.59 -3.15
CA MET A 45 8.93 17.63 -4.22
C MET A 45 7.73 16.68 -4.37
N ALA A 46 6.96 16.45 -3.29
CA ALA A 46 5.73 15.68 -3.46
C ALA A 46 4.74 16.47 -4.31
N ARG A 47 4.66 17.80 -4.12
CA ARG A 47 3.77 18.61 -4.94
C ARG A 47 4.19 18.52 -6.39
N ARG A 48 5.46 18.59 -6.74
CA ARG A 48 5.83 18.49 -8.15
C ARG A 48 5.66 17.07 -8.74
N SER A 49 5.71 16.06 -7.89
CA SER A 49 5.63 14.67 -8.30
C SER A 49 4.18 14.36 -8.68
N THR A 50 3.25 14.84 -7.86
CA THR A 50 1.84 14.57 -8.09
C THR A 50 1.28 15.46 -9.18
N GLN A 51 1.97 16.51 -9.64
CA GLN A 51 1.38 17.33 -10.71
C GLN A 51 2.20 17.15 -11.95
N GLY A 52 3.39 16.55 -11.92
CA GLY A 52 4.17 16.45 -13.14
C GLY A 52 4.88 17.75 -13.46
N THR A 53 5.56 18.36 -12.48
CA THR A 53 6.38 19.54 -12.79
C THR A 53 7.81 19.37 -12.29
N VAL A 54 8.35 18.16 -12.28
CA VAL A 54 9.68 17.81 -11.81
C VAL A 54 10.76 18.30 -12.76
N ALA A 55 10.53 18.18 -14.06
CA ALA A 55 11.51 18.57 -15.06
C ALA A 55 11.85 20.05 -15.08
N GLU A 56 10.99 20.95 -14.60
CA GLU A 56 11.32 22.35 -14.50
C GLU A 56 12.47 22.55 -13.50
N VAL A 57 12.60 21.79 -12.43
CA VAL A 57 13.73 22.06 -11.53
C VAL A 57 14.78 20.99 -11.76
N LEU A 58 14.44 19.78 -12.27
CA LEU A 58 15.43 18.71 -12.31
C LEU A 58 15.86 18.33 -13.73
N GLY A 59 15.19 18.83 -14.76
CA GLY A 59 15.72 18.63 -16.09
C GLY A 59 15.16 17.50 -16.91
N LYS A 60 15.87 17.19 -17.99
CA LYS A 60 15.53 16.30 -19.05
C LYS A 60 15.34 14.85 -18.65
N ASP A 61 15.98 14.32 -17.61
CA ASP A 61 15.69 12.93 -17.24
C ASP A 61 14.23 12.80 -16.79
N PHE A 62 13.52 13.86 -16.35
CA PHE A 62 12.19 13.72 -15.82
C PHE A 62 11.06 14.07 -16.77
N VAL A 63 11.33 14.31 -18.05
CA VAL A 63 10.28 14.66 -19.01
C VAL A 63 9.27 13.53 -19.22
N LYS A 64 9.70 12.26 -19.36
CA LYS A 64 8.73 11.18 -19.55
C LYS A 64 7.89 11.01 -18.29
N PHE A 65 8.51 11.12 -17.12
CA PHE A 65 7.83 10.99 -15.85
C PHE A 65 6.70 12.02 -15.85
N ASP A 66 7.05 13.28 -16.12
CA ASP A 66 6.11 14.41 -16.06
C ASP A 66 4.96 14.20 -17.03
N LYS A 67 5.29 13.80 -18.27
CA LYS A 67 4.19 13.45 -19.15
C LYS A 67 3.32 12.30 -18.65
N ASP A 68 3.88 11.26 -18.04
CA ASP A 68 3.03 10.15 -17.58
C ASP A 68 2.09 10.63 -16.48
N ILE A 69 2.63 11.39 -15.52
CA ILE A 69 1.77 11.94 -14.47
C ILE A 69 0.59 12.72 -15.06
N ARG A 70 0.85 13.61 -15.99
CA ARG A 70 -0.19 14.46 -16.56
C ARG A 70 -1.20 13.71 -17.38
N ARG A 71 -0.80 12.64 -18.07
CA ARG A 71 -1.77 11.86 -18.82
C ARG A 71 -2.68 11.03 -17.91
N ASN A 72 -2.32 10.79 -16.68
CA ASN A 72 -3.15 9.97 -15.82
C ASN A 72 -4.17 10.73 -15.01
N TYR A 73 -4.49 12.00 -15.28
CA TYR A 73 -5.53 12.67 -14.45
C TYR A 73 -6.07 13.83 -15.30
N TRP A 74 -7.11 14.45 -14.81
CA TRP A 74 -7.85 15.53 -15.43
C TRP A 74 -8.09 16.66 -14.44
N PRO A 75 -7.16 17.59 -14.31
CA PRO A 75 -7.15 18.63 -13.30
C PRO A 75 -8.42 19.46 -13.17
N ASP A 76 -9.13 19.77 -14.26
CA ASP A 76 -10.40 20.45 -14.22
C ASP A 76 -11.50 19.72 -13.46
N ALA A 77 -11.49 18.39 -13.54
CA ALA A 77 -12.44 17.61 -12.73
C ALA A 77 -12.08 17.71 -11.26
N ILE A 78 -10.83 17.85 -10.88
CA ILE A 78 -10.52 18.04 -9.44
C ILE A 78 -10.96 19.45 -8.99
N ARG A 79 -10.71 20.49 -9.82
CA ARG A 79 -11.09 21.87 -9.41
C ARG A 79 -12.60 22.05 -9.28
N ALA A 80 -13.34 21.38 -10.17
CA ALA A 80 -14.80 21.34 -10.02
C ALA A 80 -15.26 20.69 -8.72
N GLN A 81 -14.51 19.73 -8.15
CA GLN A 81 -14.98 19.08 -6.93
C GLN A 81 -14.67 20.03 -5.77
N ILE A 82 -13.57 20.74 -5.89
CA ILE A 82 -13.19 21.73 -4.88
C ILE A 82 -14.21 22.88 -4.91
N ALA A 83 -14.68 23.35 -6.08
CA ALA A 83 -15.66 24.41 -6.13
C ALA A 83 -17.02 24.01 -5.59
N ALA A 84 -17.36 22.73 -5.47
CA ALA A 84 -18.63 22.36 -4.91
C ALA A 84 -18.59 22.15 -3.41
N LEU A 85 -17.48 22.41 -2.72
CA LEU A 85 -17.49 22.16 -1.27
C LEU A 85 -18.30 23.20 -0.53
N SER A 86 -18.87 22.85 0.60
CA SER A 86 -19.45 23.81 1.51
C SER A 86 -18.35 24.59 2.19
N PRO A 87 -18.73 25.72 2.76
CA PRO A 87 -17.77 26.64 3.41
C PRO A 87 -17.00 25.93 4.51
N GLU A 88 -17.59 25.11 5.35
CA GLU A 88 -16.89 24.40 6.41
C GLU A 88 -15.84 23.45 5.81
N ASP A 89 -16.22 22.61 4.82
CA ASP A 89 -15.21 21.74 4.23
C ASP A 89 -14.10 22.49 3.53
N MET A 90 -14.42 23.56 2.83
CA MET A 90 -13.43 24.32 2.07
C MET A 90 -12.40 24.92 3.03
N SER A 91 -12.84 25.27 4.24
CA SER A 91 -11.97 25.82 5.25
C SER A 91 -10.77 24.95 5.61
N ILE A 92 -11.03 23.63 5.73
CA ILE A 92 -9.99 22.65 5.96
C ILE A 92 -8.85 22.85 4.95
N LEU A 93 -9.17 22.75 3.68
CA LEU A 93 -8.16 22.89 2.63
C LEU A 93 -7.57 24.30 2.57
N GLN A 94 -8.41 25.33 2.80
CA GLN A 94 -7.90 26.69 2.58
C GLN A 94 -7.07 27.10 3.80
N GLY A 95 -7.59 26.68 4.97
CA GLY A 95 -6.78 26.94 6.17
C GLY A 95 -5.39 26.31 6.05
N TYR A 96 -5.30 25.04 5.63
CA TYR A 96 -4.04 24.30 5.50
C TYR A 96 -3.12 25.03 4.54
N ALA A 97 -3.59 25.35 3.32
CA ALA A 97 -2.72 26.08 2.39
C ALA A 97 -2.29 27.47 2.93
N ASP A 98 -3.21 28.21 3.58
CA ASP A 98 -2.80 29.50 4.18
C ASP A 98 -1.75 29.34 5.28
N GLY A 99 -1.89 28.38 6.18
CA GLY A 99 -0.87 28.17 7.23
C GLY A 99 0.48 27.82 6.60
N MET A 100 0.52 27.10 5.48
CA MET A 100 1.81 26.78 4.88
C MET A 100 2.42 28.05 4.34
N ASN A 101 1.52 28.83 3.73
CA ASN A 101 1.92 30.09 3.05
C ASN A 101 2.52 31.08 4.05
N ALA A 102 1.93 31.14 5.24
CA ALA A 102 2.47 31.96 6.31
C ALA A 102 3.92 31.59 6.59
N TRP A 103 4.30 30.34 6.79
CA TRP A 103 5.70 29.99 7.02
C TRP A 103 6.52 30.16 5.77
N ILE A 104 5.94 29.84 4.59
CA ILE A 104 6.77 30.05 3.39
C ILE A 104 7.11 31.52 3.21
N ASP A 105 6.16 32.43 3.51
CA ASP A 105 6.47 33.86 3.46
C ASP A 105 7.63 34.18 4.40
N LYS A 106 7.62 33.76 5.66
CA LYS A 106 8.76 34.01 6.55
C LYS A 106 10.03 33.42 5.96
N VAL A 107 9.98 32.21 5.37
CA VAL A 107 11.16 31.57 4.82
C VAL A 107 11.73 32.35 3.66
N ASN A 108 10.88 32.82 2.75
CA ASN A 108 11.40 33.56 1.61
C ASN A 108 11.79 34.99 1.98
N THR A 109 11.49 35.45 3.18
CA THR A 109 11.94 36.74 3.69
C THR A 109 13.25 36.68 4.47
N ASN A 110 13.59 35.55 5.06
CA ASN A 110 14.79 35.35 5.86
C ASN A 110 15.50 34.04 5.52
N PRO A 111 15.91 33.90 4.27
CA PRO A 111 16.46 32.68 3.72
C PRO A 111 17.80 32.29 4.27
N GLU A 112 18.55 33.23 4.82
CA GLU A 112 19.87 32.93 5.36
C GLU A 112 19.75 31.98 6.54
N THR A 113 18.66 31.96 7.28
CA THR A 113 18.55 31.06 8.43
C THR A 113 17.40 30.09 8.32
N LEU A 114 16.40 30.40 7.50
CA LEU A 114 15.22 29.54 7.48
C LEU A 114 15.02 28.71 6.23
N LEU A 115 15.72 28.92 5.13
CA LEU A 115 15.47 28.07 3.95
C LEU A 115 16.14 26.72 4.11
N PRO A 116 15.42 25.63 4.00
CA PRO A 116 15.96 24.26 4.07
C PRO A 116 17.15 24.10 3.17
N LYS A 117 18.24 23.50 3.66
CA LYS A 117 19.42 23.34 2.78
C LYS A 117 19.24 22.83 1.38
N GLN A 118 18.42 21.80 1.15
CA GLN A 118 18.17 21.16 -0.15
C GLN A 118 17.69 22.11 -1.25
N PHE A 119 16.94 23.18 -0.92
CA PHE A 119 16.59 24.22 -1.90
C PHE A 119 17.83 24.92 -2.44
N ASN A 120 18.83 25.21 -1.62
CA ASN A 120 20.08 25.74 -2.13
C ASN A 120 20.72 24.64 -2.96
N THR A 121 20.83 23.43 -2.43
CA THR A 121 21.45 22.33 -3.16
C THR A 121 20.85 22.12 -4.53
N PHE A 122 19.52 22.05 -4.63
CA PHE A 122 18.96 21.81 -5.96
C PHE A 122 18.67 23.08 -6.72
N GLY A 123 18.92 24.25 -6.14
CA GLY A 123 18.83 25.52 -6.82
C GLY A 123 17.46 26.09 -7.11
N PHE A 124 16.52 26.20 -6.18
CA PHE A 124 15.19 26.75 -6.52
C PHE A 124 14.54 27.12 -5.20
N THR A 125 13.40 27.78 -5.19
CA THR A 125 12.87 28.21 -3.84
C THR A 125 11.42 27.82 -3.81
N PRO A 126 10.83 27.69 -2.64
CA PRO A 126 9.44 27.30 -2.49
C PRO A 126 8.47 28.32 -3.06
N LYS A 127 7.32 27.86 -3.50
CA LYS A 127 6.24 28.70 -3.99
C LYS A 127 5.01 28.48 -3.09
N ARG A 128 4.06 29.38 -3.18
CA ARG A 128 2.86 29.35 -2.34
C ARG A 128 1.88 28.27 -2.81
N TRP A 129 1.06 27.76 -1.93
CA TRP A 129 0.19 26.66 -2.20
C TRP A 129 -1.24 27.17 -2.34
N GLU A 130 -2.12 26.44 -3.02
CA GLU A 130 -3.56 26.77 -2.95
C GLU A 130 -4.25 25.46 -2.59
N PRO A 131 -5.53 25.48 -2.30
CA PRO A 131 -6.29 24.30 -1.99
C PRO A 131 -6.08 23.13 -2.97
N PHE A 132 -5.93 23.41 -4.27
CA PHE A 132 -5.77 22.46 -5.31
C PHE A 132 -4.51 21.64 -5.05
N ASP A 133 -3.42 22.30 -4.65
CA ASP A 133 -2.21 21.59 -4.30
C ASP A 133 -2.31 20.63 -3.11
N VAL A 134 -3.01 21.04 -2.05
CA VAL A 134 -3.28 20.15 -0.92
C VAL A 134 -4.06 18.92 -1.38
N ALA A 135 -5.11 19.12 -2.20
CA ALA A 135 -5.93 17.99 -2.62
C ALA A 135 -5.09 17.05 -3.48
N MET A 136 -4.23 17.56 -4.34
CA MET A 136 -3.38 16.79 -5.23
C MET A 136 -2.29 15.98 -4.53
N ILE A 137 -1.85 16.28 -3.31
CA ILE A 137 -1.00 15.46 -2.49
C ILE A 137 -1.71 14.12 -2.22
N PHE A 138 -2.95 14.18 -1.76
CA PHE A 138 -3.74 13.00 -1.49
C PHE A 138 -4.09 12.25 -2.77
N VAL A 139 -4.52 12.89 -3.85
CA VAL A 139 -4.89 12.21 -5.07
C VAL A 139 -3.74 11.48 -5.74
N GLY A 140 -2.60 12.13 -5.84
CA GLY A 140 -1.45 11.53 -6.48
C GLY A 140 -0.80 10.45 -5.64
N THR A 141 -0.93 10.41 -4.33
CA THR A 141 -0.15 9.45 -3.55
C THR A 141 -1.07 8.45 -2.90
N MET A 142 -2.36 8.46 -3.13
CA MET A 142 -3.29 7.55 -2.49
C MET A 142 -4.30 7.08 -3.54
N ALA A 143 -4.94 7.97 -4.32
CA ALA A 143 -5.85 7.48 -5.33
C ALA A 143 -5.02 6.98 -6.51
N ASN A 144 -4.25 7.89 -7.09
CA ASN A 144 -3.45 7.64 -8.27
C ASN A 144 -2.41 6.60 -7.96
N ARG A 145 -1.80 6.56 -6.80
N ARG A 145 -1.93 5.98 -6.85
CA ARG A 145 -0.82 5.44 -7.06
CA ARG A 145 -0.99 4.97 -6.37
C ARG A 145 -1.63 4.26 -6.64
C ARG A 145 -1.53 3.67 -5.70
N PHE A 146 -1.92 4.10 -5.39
N PHE A 146 -2.40 3.68 -4.70
CA PHE A 146 -2.48 2.99 -4.72
CA PHE A 146 -2.90 2.46 -4.10
C PHE A 146 -3.90 2.49 -4.86
C PHE A 146 -4.29 2.20 -4.68
N SER A 147 -4.79 2.99 -5.68
CA SER A 147 -6.16 2.63 -5.94
C SER A 147 -6.43 2.68 -7.43
N ASP A 148 -5.34 2.63 -8.20
CA ASP A 148 -5.46 2.68 -9.64
C ASP A 148 -4.87 1.48 -10.38
N SER A 149 -4.93 0.24 -9.86
CA SER A 149 -4.15 -0.85 -10.45
C SER A 149 -4.93 -1.59 -11.51
N THR A 150 -4.44 -1.77 -12.73
CA THR A 150 -5.18 -2.64 -13.65
C THR A 150 -4.12 -3.23 -14.60
N SER A 151 -4.34 -4.37 -15.25
CA SER A 151 -3.36 -4.87 -16.25
C SER A 151 -4.21 -5.51 -17.36
N GLU A 152 -5.44 -4.98 -17.57
CA GLU A 152 -6.41 -5.61 -18.42
C GLU A 152 -5.90 -5.80 -19.84
N ILE A 153 -5.14 -4.84 -20.33
CA ILE A 153 -4.61 -4.90 -21.68
C ILE A 153 -3.51 -5.96 -21.77
N ASP A 154 -2.61 -6.07 -20.80
CA ASP A 154 -1.65 -7.15 -20.73
C ASP A 154 -2.36 -8.49 -20.51
N ASN A 155 -3.40 -8.58 -19.71
CA ASN A 155 -4.09 -9.83 -19.57
C ASN A 155 -4.55 -10.37 -20.95
N LEU A 156 -5.02 -9.48 -21.81
CA LEU A 156 -5.63 -9.84 -23.07
C LEU A 156 -4.55 -10.34 -24.01
N ALA A 157 -3.38 -9.72 -24.01
CA ALA A 157 -2.27 -10.25 -24.77
C ALA A 157 -1.82 -11.59 -24.18
N LEU A 158 -1.86 -11.87 -22.87
CA LEU A 158 -1.57 -13.19 -22.36
C LEU A 158 -2.59 -14.18 -22.92
N LEU A 159 -3.87 -13.90 -22.85
CA LEU A 159 -4.97 -14.74 -23.23
C LEU A 159 -4.89 -15.14 -24.70
N THR A 160 -4.55 -14.15 -25.51
CA THR A 160 -4.42 -14.35 -26.95
C THR A 160 -3.27 -15.30 -27.27
N ALA A 161 -2.15 -15.19 -26.57
CA ALA A 161 -1.04 -16.10 -26.75
C ALA A 161 -1.32 -17.48 -26.15
N LEU A 162 -2.17 -17.66 -25.18
CA LEU A 162 -2.55 -18.95 -24.66
C LEU A 162 -3.52 -19.64 -25.62
N LYS A 163 -4.21 -18.87 -26.45
CA LYS A 163 -5.22 -19.39 -27.35
C LYS A 163 -4.56 -19.92 -28.61
N ASP A 164 -3.48 -19.28 -29.00
CA ASP A 164 -2.64 -19.72 -30.08
C ASP A 164 -1.92 -21.01 -29.70
N LYS A 165 -1.30 -21.10 -28.54
CA LYS A 165 -0.68 -22.30 -28.05
C LYS A 165 -1.63 -23.46 -27.84
N TYR A 166 -2.74 -23.36 -27.13
CA TYR A 166 -3.53 -24.48 -26.74
C TYR A 166 -4.88 -24.57 -27.41
N GLY A 167 -5.18 -23.65 -28.31
CA GLY A 167 -6.50 -23.64 -28.94
C GLY A 167 -7.42 -22.71 -28.13
N VAL A 168 -8.49 -22.24 -28.75
CA VAL A 168 -9.52 -21.45 -28.14
C VAL A 168 -10.09 -21.94 -26.83
N SER A 169 -10.80 -23.06 -26.67
CA SER A 169 -11.33 -23.36 -25.33
C SER A 169 -10.26 -23.61 -24.28
N GLN A 170 -9.14 -24.19 -24.69
CA GLN A 170 -8.10 -24.65 -23.79
C GLN A 170 -7.27 -23.47 -23.29
N GLY A 171 -7.04 -22.53 -24.17
CA GLY A 171 -6.37 -21.27 -23.89
C GLY A 171 -7.10 -20.48 -22.79
N MET A 172 -8.43 -20.53 -22.75
CA MET A 172 -9.26 -19.92 -21.76
C MET A 172 -9.14 -20.62 -20.41
N ALA A 173 -9.13 -21.96 -20.47
CA ALA A 173 -9.09 -22.73 -19.22
C ALA A 173 -7.71 -22.55 -18.58
N VAL A 174 -6.64 -22.40 -19.35
CA VAL A 174 -5.32 -22.20 -18.75
C VAL A 174 -5.20 -20.79 -18.14
N PHE A 175 -5.73 -19.77 -18.84
CA PHE A 175 -5.93 -18.44 -18.33
C PHE A 175 -6.64 -18.51 -16.98
N ASN A 176 -7.68 -19.30 -16.83
CA ASN A 176 -8.33 -19.41 -15.52
C ASN A 176 -7.50 -20.15 -14.48
N GLN A 177 -6.47 -20.91 -14.88
CA GLN A 177 -5.62 -21.60 -13.94
C GLN A 177 -4.56 -20.61 -13.41
N LEU A 178 -4.13 -19.74 -14.32
CA LEU A 178 -3.08 -18.78 -13.97
C LEU A 178 -3.55 -17.52 -13.24
N LYS A 179 -4.71 -17.01 -13.61
CA LYS A 179 -5.29 -15.77 -13.12
C LYS A 179 -6.74 -16.07 -12.86
N TRP A 180 -7.00 -16.86 -11.84
CA TRP A 180 -8.40 -17.21 -11.55
C TRP A 180 -9.15 -15.94 -11.15
N LEU A 181 -10.45 -15.91 -11.24
CA LEU A 181 -11.27 -14.82 -10.76
C LEU A 181 -11.37 -14.93 -9.26
N VAL A 182 -11.83 -16.04 -8.70
CA VAL A 182 -11.87 -16.31 -7.28
C VAL A 182 -11.34 -17.71 -6.94
N ASN A 183 -10.87 -17.89 -5.72
CA ASN A 183 -10.33 -19.13 -5.22
C ASN A 183 -10.93 -19.32 -3.85
N PRO A 184 -11.82 -20.28 -3.69
CA PRO A 184 -12.57 -20.51 -2.48
C PRO A 184 -11.70 -20.94 -1.32
N SER A 185 -10.42 -21.35 -1.53
CA SER A 185 -9.66 -21.68 -0.36
C SER A 185 -8.82 -20.51 0.17
N ALA A 186 -8.82 -19.33 -0.43
CA ALA A 186 -8.08 -18.18 0.17
C ALA A 186 -8.52 -17.84 1.57
N PRO A 187 -7.58 -17.70 2.49
CA PRO A 187 -7.78 -17.20 3.86
C PRO A 187 -8.35 -15.76 3.84
N THR A 188 -9.42 -15.55 4.57
CA THR A 188 -10.21 -14.33 4.50
C THR A 188 -10.23 -13.63 5.86
N THR A 189 -10.24 -12.31 5.87
CA THR A 189 -10.31 -11.54 7.11
C THR A 189 -11.66 -11.79 7.76
N ILE A 190 -12.73 -11.99 7.01
CA ILE A 190 -14.03 -12.28 7.63
C ILE A 190 -14.27 -13.79 7.53
N ALA A 191 -14.61 -14.46 8.61
CA ALA A 191 -14.88 -15.90 8.57
C ALA A 191 -16.15 -16.17 7.80
N VAL A 192 -16.26 -17.33 7.19
CA VAL A 192 -17.41 -17.76 6.40
C VAL A 192 -18.67 -17.86 7.24
N GLN A 193 -18.54 -18.17 8.53
CA GLN A 193 -19.73 -18.13 9.39
C GLN A 193 -20.36 -16.71 9.48
N GLU A 194 -19.67 -15.62 9.16
CA GLU A 194 -20.27 -14.29 9.30
C GLU A 194 -20.90 -13.86 7.99
N SER A 195 -20.25 -13.94 6.84
CA SER A 195 -20.97 -13.67 5.60
C SER A 195 -20.13 -14.08 4.42
N ASN A 196 -20.63 -14.13 3.21
CA ASN A 196 -19.81 -14.31 2.02
C ASN A 196 -20.29 -13.23 1.01
N TYR A 197 -19.46 -12.95 0.02
CA TYR A 197 -19.83 -11.96 -0.97
C TYR A 197 -20.91 -12.59 -1.86
N PRO A 198 -21.91 -11.81 -2.18
CA PRO A 198 -23.08 -12.29 -2.88
C PRO A 198 -23.04 -12.25 -4.39
N LEU A 199 -22.10 -11.56 -5.01
CA LEU A 199 -22.10 -11.50 -6.48
C LEU A 199 -21.33 -12.63 -7.13
N LYS A 200 -21.73 -13.06 -8.31
CA LYS A 200 -20.99 -14.01 -9.12
C LYS A 200 -20.70 -13.33 -10.45
N PHE A 201 -19.55 -13.64 -11.02
CA PHE A 201 -19.03 -12.95 -12.19
C PHE A 201 -18.76 -13.89 -13.34
N ASN A 202 -18.83 -13.36 -14.55
CA ASN A 202 -18.49 -14.10 -15.75
C ASN A 202 -17.00 -14.40 -15.81
N GLN A 203 -16.58 -15.61 -16.11
CA GLN A 203 -15.15 -15.88 -16.22
C GLN A 203 -14.84 -16.55 -17.55
N GLN A 204 -15.53 -16.10 -18.60
CA GLN A 204 -15.27 -16.64 -19.93
C GLN A 204 -14.83 -15.57 -20.90
N ASN A 205 -14.74 -14.33 -20.39
CA ASN A 205 -14.57 -13.22 -21.35
C ASN A 205 -15.77 -13.18 -22.29
N SER A 206 -17.00 -13.32 -21.78
CA SER A 206 -18.20 -13.29 -22.60
C SER A 206 -18.46 -12.02 -23.43
N GLN A 207 -17.79 -10.92 -23.14
CA GLN A 207 -17.84 -9.66 -23.83
C GLN A 207 -17.21 -9.72 -25.22
N THR A 208 -16.55 -10.76 -25.69
CA THR A 208 -16.09 -10.76 -27.08
C THR A 208 -17.07 -11.43 -28.04
N SER B 1 0.89 -4.38 3.84
CA SER B 1 0.57 -3.68 5.11
C SER B 1 -0.21 -4.64 5.98
N ASN B 2 0.05 -4.65 7.27
CA ASN B 2 -0.77 -5.57 8.07
C ASN B 2 -1.41 -4.85 9.25
N MET B 3 -2.30 -5.51 9.94
CA MET B 3 -3.11 -5.05 11.02
C MET B 3 -3.63 -6.29 11.75
N TRP B 4 -3.67 -6.20 13.07
CA TRP B 4 -4.41 -7.13 13.89
C TRP B 4 -5.17 -6.31 14.95
N VAL B 5 -6.44 -6.66 15.16
CA VAL B 5 -7.25 -5.94 16.13
C VAL B 5 -7.79 -7.00 17.09
N ILE B 6 -7.57 -6.80 18.38
CA ILE B 6 -7.98 -7.78 19.39
C ILE B 6 -9.10 -7.27 20.31
N GLY B 7 -10.26 -7.95 20.29
CA GLY B 7 -11.39 -7.51 21.03
C GLY B 7 -11.44 -8.00 22.48
N LYS B 8 -12.51 -7.58 23.18
CA LYS B 8 -12.85 -7.96 24.52
C LYS B 8 -12.53 -9.39 24.92
N SER B 9 -13.02 -10.39 24.20
CA SER B 9 -12.92 -11.81 24.51
C SER B 9 -11.51 -12.35 24.33
N LYS B 10 -10.63 -11.71 23.55
CA LYS B 10 -9.29 -12.18 23.38
C LYS B 10 -8.26 -11.35 24.12
N ALA B 11 -8.70 -10.21 24.65
CA ALA B 11 -7.72 -9.25 25.20
C ALA B 11 -7.45 -9.60 26.65
N GLN B 12 -6.27 -9.38 27.17
CA GLN B 12 -5.92 -9.63 28.54
C GLN B 12 -5.37 -8.33 29.13
N ASP B 13 -5.97 -7.89 30.20
CA ASP B 13 -5.65 -6.62 30.86
C ASP B 13 -6.09 -5.38 30.07
N ALA B 14 -7.12 -5.49 29.24
CA ALA B 14 -7.61 -4.35 28.48
C ALA B 14 -8.88 -4.82 27.79
N LYS B 15 -9.61 -3.98 27.10
CA LYS B 15 -10.79 -4.50 26.40
C LYS B 15 -10.51 -4.54 24.90
N ALA B 16 -9.49 -3.80 24.43
CA ALA B 16 -9.29 -3.82 22.97
C ALA B 16 -7.90 -3.34 22.65
N ILE B 17 -7.25 -3.94 21.66
CA ILE B 17 -5.87 -3.56 21.27
C ILE B 17 -5.81 -3.57 19.74
N MET B 18 -5.20 -2.56 19.15
CA MET B 18 -5.15 -2.45 17.72
C MET B 18 -3.70 -2.21 17.33
N VAL B 19 -3.14 -3.06 16.46
CA VAL B 19 -1.73 -2.87 16.05
C VAL B 19 -1.71 -2.71 14.55
N ASN B 20 -1.04 -1.76 13.95
CA ASN B 20 -1.13 -1.52 12.53
C ASN B 20 0.26 -1.31 11.97
N GLY B 21 0.66 -1.97 10.88
CA GLY B 21 1.88 -1.73 10.20
C GLY B 21 1.64 -1.53 8.68
N PRO B 22 1.28 -0.32 8.28
CA PRO B 22 1.06 0.06 6.89
C PRO B 22 2.41 -0.03 6.17
N GLN B 23 2.50 -0.63 4.99
CA GLN B 23 3.79 -0.86 4.38
C GLN B 23 3.91 -0.07 3.10
N PHE B 24 4.73 0.98 3.11
CA PHE B 24 4.76 1.84 1.91
C PHE B 24 6.13 1.89 1.33
N GLY B 25 7.07 1.14 1.94
CA GLY B 25 8.50 1.28 1.57
C GLY B 25 9.12 2.12 2.71
N TRP B 26 10.39 2.47 2.65
CA TRP B 26 11.09 3.15 3.74
C TRP B 26 11.93 4.34 3.23
N TYR B 27 11.65 5.53 3.74
CA TYR B 27 12.15 6.79 3.17
C TYR B 27 12.75 7.77 4.18
N ALA B 28 13.54 8.71 3.69
CA ALA B 28 14.08 9.78 4.55
C ALA B 28 13.82 11.06 3.79
N PRO B 29 13.12 12.02 4.39
CA PRO B 29 12.48 11.92 5.68
C PRO B 29 11.29 10.98 5.57
N ALA B 30 10.69 10.65 6.67
CA ALA B 30 9.69 9.71 6.95
C ALA B 30 8.45 9.98 6.10
N TYR B 31 7.87 8.77 5.86
CA TYR B 31 6.74 8.72 4.97
C TYR B 31 5.59 9.42 5.70
N THR B 32 5.41 9.16 6.97
CA THR B 32 4.29 9.71 7.71
C THR B 32 4.72 10.84 8.64
N TYR B 33 3.71 11.56 9.12
CA TYR B 33 3.90 12.81 9.89
C TYR B 33 3.10 12.85 11.16
N GLY B 34 3.71 13.05 12.35
CA GLY B 34 2.94 12.98 13.60
C GLY B 34 2.24 14.31 13.90
N ILE B 35 1.02 14.34 14.43
CA ILE B 35 0.22 15.54 14.56
C ILE B 35 -0.93 15.29 15.51
N GLY B 36 -1.21 16.21 16.42
CA GLY B 36 -2.35 16.15 17.36
C GLY B 36 -3.17 17.43 17.06
N LEU B 37 -4.49 17.30 17.01
CA LEU B 37 -5.41 18.36 16.65
C LEU B 37 -6.52 18.43 17.71
N HIS B 38 -6.57 19.61 18.34
CA HIS B 38 -7.47 19.84 19.48
C HIS B 38 -8.30 21.11 19.33
N GLY B 39 -9.54 21.02 18.95
CA GLY B 39 -10.44 22.11 18.63
C GLY B 39 -11.37 21.85 17.47
N ALA B 40 -12.41 22.72 17.39
CA ALA B 40 -13.42 22.71 16.33
C ALA B 40 -14.11 21.37 16.28
N GLY B 41 -14.34 20.67 17.38
CA GLY B 41 -14.95 19.34 17.30
C GLY B 41 -13.94 18.20 17.24
N TYR B 42 -12.68 18.43 16.94
CA TYR B 42 -11.59 17.47 16.87
C TYR B 42 -10.78 17.39 18.16
N ASP B 43 -10.42 16.18 18.58
CA ASP B 43 -9.51 15.92 19.67
C ASP B 43 -8.74 14.64 19.41
N VAL B 44 -7.71 14.70 18.59
CA VAL B 44 -7.08 13.52 18.03
C VAL B 44 -5.57 13.49 18.21
N THR B 45 -5.04 12.25 18.10
CA THR B 45 -3.56 12.08 18.10
C THR B 45 -3.13 10.91 17.22
N GLY B 46 -2.01 11.04 16.46
CA GLY B 46 -1.63 9.96 15.54
C GLY B 46 -0.59 10.32 14.52
N ASN B 47 -0.55 9.64 13.35
CA ASN B 47 0.41 10.04 12.30
C ASN B 47 -0.22 9.69 10.98
N THR B 48 0.18 10.28 9.86
CA THR B 48 -0.51 10.11 8.59
C THR B 48 0.45 10.44 7.48
N PRO B 49 0.35 9.73 6.37
CA PRO B 49 1.24 9.89 5.23
C PRO B 49 1.16 11.30 4.63
N PHE B 50 2.26 11.92 4.24
CA PHE B 50 2.33 13.18 3.58
C PHE B 50 1.50 14.22 4.33
N ALA B 51 1.40 14.18 5.68
CA ALA B 51 0.63 15.11 6.46
C ALA B 51 -0.74 15.39 5.84
N TYR B 52 -1.50 14.43 5.29
CA TYR B 52 -2.84 14.74 4.84
C TYR B 52 -3.58 15.45 5.99
N PRO B 53 -4.58 16.26 5.68
CA PRO B 53 -5.58 16.76 6.61
C PRO B 53 -6.16 15.65 7.48
N GLY B 54 -6.61 14.52 6.92
CA GLY B 54 -7.18 13.42 7.72
C GLY B 54 -6.05 12.43 8.17
N LEU B 55 -6.07 12.00 9.40
CA LEU B 55 -5.10 11.11 10.01
C LEU B 55 -5.47 9.66 9.71
N VAL B 56 -4.59 9.03 8.93
CA VAL B 56 -4.92 7.59 8.61
C VAL B 56 -4.70 6.73 9.81
N PHE B 57 -3.79 7.03 10.76
CA PHE B 57 -3.57 6.15 11.93
C PHE B 57 -3.62 6.92 13.24
N GLY B 58 -4.58 6.63 14.11
CA GLY B 58 -4.57 7.29 15.42
C GLY B 58 -5.86 7.05 16.19
N HIS B 59 -6.15 7.91 17.19
CA HIS B 59 -7.39 7.71 17.96
C HIS B 59 -7.90 9.02 18.59
N ASN B 60 -9.13 9.06 19.08
CA ASN B 60 -9.69 10.31 19.54
C ASN B 60 -10.11 10.21 21.00
N GLY B 61 -9.56 9.23 21.71
CA GLY B 61 -9.88 8.95 23.07
C GLY B 61 -11.08 8.07 23.27
N VAL B 62 -11.93 7.81 22.29
CA VAL B 62 -13.08 6.94 22.46
C VAL B 62 -12.97 5.79 21.45
N ILE B 63 -12.65 6.09 20.19
CA ILE B 63 -12.42 5.09 19.18
C ILE B 63 -11.01 5.16 18.62
N SER B 64 -10.59 4.16 17.85
CA SER B 64 -9.32 4.20 17.13
C SER B 64 -9.49 3.54 15.74
N TRP B 65 -8.69 3.90 14.78
CA TRP B 65 -8.82 3.49 13.41
C TRP B 65 -7.44 3.18 12.78
N GLY B 66 -7.43 2.50 11.65
CA GLY B 66 -6.20 2.20 10.90
C GLY B 66 -6.69 1.68 9.52
N SER B 67 -5.77 1.40 8.62
CA SER B 67 -6.02 0.98 7.25
C SER B 67 -5.02 -0.10 6.75
N THR B 68 -5.35 -0.83 5.68
CA THR B 68 -4.42 -1.58 4.86
C THR B 68 -4.96 -1.46 3.43
N ALA B 69 -4.17 -1.58 2.38
CA ALA B 69 -4.64 -1.51 0.99
C ALA B 69 -5.68 -2.59 0.70
N GLY B 70 -6.77 -2.31 -0.01
CA GLY B 70 -7.84 -3.23 -0.27
C GLY B 70 -7.61 -4.16 -1.46
N PHE B 71 -7.08 -3.72 -2.56
CA PHE B 71 -6.92 -4.44 -3.79
C PHE B 71 -8.20 -5.05 -4.34
N GLY B 72 -9.29 -4.30 -4.30
CA GLY B 72 -10.50 -4.81 -4.97
C GLY B 72 -10.38 -4.45 -6.44
N ASP B 73 -11.23 -4.95 -7.31
CA ASP B 73 -11.14 -4.55 -8.72
C ASP B 73 -12.08 -3.34 -8.91
N ASP B 74 -11.50 -2.13 -9.01
CA ASP B 74 -12.36 -0.95 -9.16
C ASP B 74 -11.97 -0.17 -10.39
N VAL B 75 -11.22 -0.79 -11.29
CA VAL B 75 -10.78 -0.14 -12.50
C VAL B 75 -11.02 -1.09 -13.67
N ASP B 76 -11.73 -0.74 -14.73
CA ASP B 76 -11.87 -1.51 -15.94
C ASP B 76 -11.45 -0.67 -17.15
N ILE B 77 -11.11 -1.30 -18.26
CA ILE B 77 -10.60 -0.68 -19.46
C ILE B 77 -11.62 -0.73 -20.60
N PHE B 78 -11.88 0.40 -21.28
CA PHE B 78 -12.92 0.41 -22.31
C PHE B 78 -12.28 0.62 -23.67
N ALA B 79 -12.57 -0.37 -24.57
CA ALA B 79 -11.92 -0.36 -25.89
C ALA B 79 -12.77 0.56 -26.78
N GLU B 80 -12.27 1.77 -27.06
CA GLU B 80 -13.08 2.74 -27.80
C GLU B 80 -12.86 2.58 -29.30
N ARG B 81 -13.97 2.58 -30.02
CA ARG B 81 -14.05 2.49 -31.46
C ARG B 81 -13.79 3.80 -32.20
N LEU B 82 -12.61 3.98 -32.76
CA LEU B 82 -12.26 5.19 -33.47
C LEU B 82 -12.61 5.12 -34.95
N SER B 83 -12.42 6.24 -35.62
CA SER B 83 -12.67 6.38 -37.04
C SER B 83 -11.51 7.08 -37.75
N ALA B 84 -11.02 6.46 -38.81
CA ALA B 84 -9.91 6.94 -39.62
C ALA B 84 -10.18 8.32 -40.20
N GLU B 85 -11.43 8.61 -40.51
CA GLU B 85 -11.95 9.89 -40.94
C GLU B 85 -12.79 10.38 -39.74
N LYS B 86 -12.77 11.63 -39.35
CA LYS B 86 -13.52 12.07 -38.16
C LYS B 86 -12.79 11.69 -36.88
N PRO B 87 -11.52 12.04 -36.83
CA PRO B 87 -10.61 11.80 -35.72
C PRO B 87 -10.86 12.72 -34.54
N GLY B 88 -10.70 12.23 -33.31
CA GLY B 88 -11.10 12.97 -32.13
C GLY B 88 -12.54 12.64 -31.80
N TYR B 89 -13.09 11.63 -32.52
CA TYR B 89 -14.45 11.19 -32.24
C TYR B 89 -14.49 9.72 -31.86
N TYR B 90 -15.58 9.27 -31.25
CA TYR B 90 -15.60 7.83 -30.97
C TYR B 90 -17.06 7.44 -30.98
N LEU B 91 -17.32 6.19 -31.33
CA LEU B 91 -18.71 5.74 -31.33
C LEU B 91 -19.25 5.46 -29.95
N HIS B 92 -20.35 6.02 -29.50
CA HIS B 92 -20.92 5.68 -28.21
C HIS B 92 -22.43 5.79 -28.39
N ASN B 93 -23.13 4.73 -28.05
CA ASN B 93 -24.56 4.64 -28.14
C ASN B 93 -25.12 5.22 -29.43
N GLY B 94 -24.61 4.73 -30.55
CA GLY B 94 -25.08 5.03 -31.85
C GLY B 94 -24.76 6.36 -32.47
N LYS B 95 -23.91 7.21 -31.92
CA LYS B 95 -23.54 8.48 -32.51
C LYS B 95 -22.04 8.68 -32.38
N TRP B 96 -21.44 9.55 -33.17
CA TRP B 96 -20.00 9.81 -33.08
C TRP B 96 -19.76 10.98 -32.13
N VAL B 97 -19.35 10.73 -30.89
CA VAL B 97 -19.11 11.69 -29.85
C VAL B 97 -17.69 12.22 -29.92
N LYS B 98 -17.54 13.51 -29.67
CA LYS B 98 -16.24 14.16 -29.64
C LYS B 98 -15.58 13.97 -28.26
N MET B 99 -14.27 13.81 -28.31
CA MET B 99 -13.44 13.62 -27.15
C MET B 99 -13.17 14.92 -26.41
N LEU B 100 -13.00 14.94 -25.09
CA LEU B 100 -12.39 16.01 -24.35
C LEU B 100 -10.89 15.96 -24.67
N SER B 101 -10.22 17.10 -24.68
CA SER B 101 -8.80 17.16 -24.93
C SER B 101 -8.20 18.41 -24.31
N ARG B 102 -6.95 18.42 -23.91
CA ARG B 102 -6.29 19.56 -23.26
C ARG B 102 -4.85 19.52 -23.78
N GLU B 103 -4.23 20.68 -23.82
CA GLU B 103 -2.85 20.75 -24.24
C GLU B 103 -1.90 21.00 -23.10
N GLU B 104 -0.73 20.33 -23.07
CA GLU B 104 0.13 20.47 -21.90
C GLU B 104 1.50 20.93 -22.38
N THR B 105 2.21 21.74 -21.59
CA THR B 105 3.57 22.11 -22.00
C THR B 105 4.43 21.73 -20.80
N ILE B 106 5.47 20.95 -21.08
CA ILE B 106 6.35 20.51 -20.01
C ILE B 106 7.52 21.49 -20.11
N THR B 107 7.75 22.33 -19.12
CA THR B 107 8.96 23.18 -19.13
C THR B 107 10.07 22.28 -18.62
N VAL B 108 11.28 22.44 -19.08
CA VAL B 108 12.44 21.63 -18.73
C VAL B 108 13.63 22.45 -18.28
N LYS B 109 14.16 22.35 -17.07
CA LYS B 109 15.34 23.13 -16.71
C LYS B 109 16.43 22.76 -17.70
N ASN B 110 17.15 23.68 -18.30
CA ASN B 110 18.25 23.46 -19.22
C ASN B 110 17.87 22.58 -20.39
N GLY B 111 16.65 22.75 -20.90
CA GLY B 111 16.27 22.12 -22.16
C GLY B 111 15.19 22.90 -22.87
N GLN B 112 14.67 22.35 -23.93
CA GLN B 112 13.53 22.87 -24.67
C GLN B 112 12.17 22.37 -24.17
N ALA B 113 11.10 23.15 -24.24
CA ALA B 113 9.82 22.78 -23.66
C ALA B 113 9.10 21.78 -24.54
N GLU B 114 8.31 20.90 -23.99
CA GLU B 114 7.62 19.88 -24.77
C GLU B 114 6.12 19.99 -24.55
N THR B 115 5.42 19.88 -25.68
CA THR B 115 3.96 19.94 -25.57
C THR B 115 3.28 18.76 -26.26
N PHE B 116 2.23 18.29 -25.61
CA PHE B 116 1.53 17.06 -25.97
C PHE B 116 0.08 17.27 -25.56
N THR B 117 -0.79 16.46 -26.09
CA THR B 117 -2.21 16.50 -25.75
C THR B 117 -2.70 15.30 -24.98
N VAL B 118 -3.62 15.47 -24.05
CA VAL B 118 -4.21 14.38 -23.28
C VAL B 118 -5.67 14.28 -23.76
N TRP B 119 -6.18 13.10 -24.02
CA TRP B 119 -7.51 12.79 -24.48
C TRP B 119 -8.35 12.04 -23.48
N ARG B 120 -9.66 12.27 -23.46
CA ARG B 120 -10.58 11.70 -22.49
C ARG B 120 -11.94 11.48 -23.15
N THR B 121 -12.60 10.39 -22.76
CA THR B 121 -13.90 10.08 -23.33
C THR B 121 -14.81 10.05 -22.12
N VAL B 122 -16.03 9.65 -22.31
CA VAL B 122 -16.96 9.44 -21.20
C VAL B 122 -16.46 8.36 -20.26
N HIS B 123 -15.56 7.44 -20.69
CA HIS B 123 -15.08 6.37 -19.82
C HIS B 123 -13.83 6.80 -19.05
N GLY B 124 -13.05 7.75 -19.55
CA GLY B 124 -11.91 8.24 -18.78
C GLY B 124 -10.75 8.62 -19.70
N ASN B 125 -9.58 8.88 -19.15
CA ASN B 125 -8.45 9.25 -19.99
C ASN B 125 -8.07 8.07 -20.90
N ILE B 126 -7.52 8.43 -22.06
CA ILE B 126 -7.08 7.41 -23.01
C ILE B 126 -5.66 6.94 -22.67
N LEU B 127 -5.48 5.68 -22.35
CA LEU B 127 -4.18 5.12 -22.00
C LEU B 127 -3.28 4.98 -23.23
N GLN B 128 -3.82 4.30 -24.21
CA GLN B 128 -3.12 3.95 -25.43
C GLN B 128 -4.12 3.68 -26.55
N THR B 129 -3.59 3.86 -27.76
CA THR B 129 -4.42 3.66 -28.94
C THR B 129 -3.75 2.74 -29.95
N ASP B 130 -4.58 1.91 -30.55
CA ASP B 130 -4.12 1.01 -31.60
C ASP B 130 -4.67 1.50 -32.93
N GLN B 131 -3.83 2.22 -33.67
CA GLN B 131 -4.21 2.80 -34.96
C GLN B 131 -4.51 1.75 -36.03
N THR B 132 -3.88 0.61 -35.94
CA THR B 132 -4.15 -0.53 -36.73
C THR B 132 -5.57 -1.03 -36.56
N THR B 133 -6.08 -1.19 -35.34
CA THR B 133 -7.47 -1.63 -35.19
C THR B 133 -8.43 -0.45 -35.11
N GLN B 134 -7.90 0.76 -34.92
CA GLN B 134 -8.66 1.96 -34.67
C GLN B 134 -9.41 1.85 -33.34
N THR B 135 -8.65 1.46 -32.33
CA THR B 135 -9.18 1.28 -30.99
C THR B 135 -8.33 2.22 -30.13
N ALA B 136 -8.95 2.78 -29.13
CA ALA B 136 -8.20 3.57 -28.14
C ALA B 136 -8.65 3.02 -26.79
N TYR B 137 -7.74 2.82 -25.83
CA TYR B 137 -8.22 2.27 -24.56
C TYR B 137 -8.43 3.37 -23.56
N ALA B 138 -9.54 3.38 -22.85
CA ALA B 138 -9.77 4.40 -21.83
C ALA B 138 -9.86 3.73 -20.46
N LYS B 139 -9.12 4.25 -19.50
CA LYS B 139 -9.13 3.66 -18.16
C LYS B 139 -10.29 4.24 -17.38
N SER B 140 -11.22 3.45 -16.91
CA SER B 140 -12.35 3.93 -16.13
C SER B 140 -12.32 3.45 -14.69
N ARG B 141 -12.20 4.42 -13.76
CA ARG B 141 -12.15 4.19 -12.34
C ARG B 141 -13.52 4.35 -11.72
N ALA B 142 -13.95 3.51 -10.81
CA ALA B 142 -15.18 3.63 -10.10
C ALA B 142 -15.15 4.87 -9.17
N TRP B 143 -14.01 5.36 -8.73
CA TRP B 143 -13.96 6.45 -7.80
C TRP B 143 -13.83 7.80 -8.48
N ASP B 144 -13.78 7.83 -9.80
CA ASP B 144 -13.60 9.04 -10.57
C ASP B 144 -14.62 10.10 -10.19
N GLY B 145 -14.23 11.33 -9.82
CA GLY B 145 -15.27 12.27 -9.39
C GLY B 145 -15.46 12.27 -7.90
N LYS B 146 -14.73 11.47 -7.10
CA LYS B 146 -14.95 11.33 -5.68
C LYS B 146 -13.64 11.38 -4.90
N GLU B 147 -12.60 11.80 -5.55
CA GLU B 147 -11.28 11.95 -4.91
C GLU B 147 -11.34 12.84 -3.67
N VAL B 148 -11.92 14.04 -3.82
CA VAL B 148 -11.98 15.05 -2.77
C VAL B 148 -12.89 14.59 -1.65
N ALA B 149 -14.04 14.01 -1.97
CA ALA B 149 -14.91 13.45 -0.92
C ALA B 149 -14.20 12.32 -0.17
N SER B 150 -13.23 11.60 -0.79
CA SER B 150 -12.62 10.48 -0.03
C SER B 150 -11.69 11.03 1.05
N LEU B 151 -10.91 12.05 0.72
CA LEU B 151 -10.05 12.83 1.59
C LEU B 151 -10.84 13.39 2.79
N LEU B 152 -12.03 13.95 2.48
CA LEU B 152 -12.88 14.48 3.54
C LEU B 152 -13.48 13.40 4.38
N ALA B 153 -13.81 12.23 3.79
CA ALA B 153 -14.35 11.17 4.67
C ALA B 153 -13.27 10.76 5.67
N TRP B 154 -11.99 10.69 5.26
CA TRP B 154 -10.88 10.37 6.13
C TRP B 154 -10.61 11.43 7.21
N THR B 155 -10.99 12.68 6.99
CA THR B 155 -10.97 13.76 7.99
C THR B 155 -12.17 13.74 8.92
N HIS B 156 -13.40 13.61 8.44
CA HIS B 156 -14.57 13.59 9.33
C HIS B 156 -14.67 12.37 10.22
N GLN B 157 -14.17 11.20 9.83
CA GLN B 157 -14.22 9.99 10.64
C GLN B 157 -13.47 10.18 11.95
N MET B 158 -12.47 11.07 11.99
CA MET B 158 -11.80 11.36 13.24
C MET B 158 -12.74 11.90 14.32
N LYS B 159 -13.93 12.41 14.04
CA LYS B 159 -14.86 12.84 15.05
C LYS B 159 -15.83 11.76 15.50
N ALA B 160 -15.99 10.66 14.78
CA ALA B 160 -16.93 9.62 15.17
C ALA B 160 -16.72 9.13 16.60
N LYS B 161 -17.79 8.75 17.28
CA LYS B 161 -17.73 8.26 18.65
C LYS B 161 -18.26 6.84 18.76
N ASN B 162 -18.75 6.26 17.67
CA ASN B 162 -19.27 4.90 17.74
C ASN B 162 -19.23 4.34 16.33
N TRP B 163 -19.74 3.12 16.23
CA TRP B 163 -19.71 2.36 15.00
C TRP B 163 -20.58 3.01 13.94
N GLN B 164 -21.78 3.35 14.38
CA GLN B 164 -22.79 3.96 13.52
C GLN B 164 -22.27 5.25 12.90
N GLN B 165 -21.71 6.14 13.71
CA GLN B 165 -21.14 7.36 13.12
C GLN B 165 -19.93 7.04 12.27
N TRP B 166 -19.12 6.05 12.73
CA TRP B 166 -17.90 5.78 11.92
C TRP B 166 -18.26 5.20 10.56
N THR B 167 -19.30 4.36 10.45
CA THR B 167 -19.61 3.72 9.18
C THR B 167 -20.26 4.64 8.17
N GLN B 168 -20.87 5.69 8.73
CA GLN B 168 -21.36 6.76 7.87
C GLN B 168 -20.23 7.38 7.08
N GLN B 169 -19.06 7.51 7.74
CA GLN B 169 -17.94 8.10 6.99
C GLN B 169 -17.26 7.07 6.11
N ALA B 170 -17.25 5.80 6.55
CA ALA B 170 -16.63 4.76 5.72
C ALA B 170 -17.40 4.66 4.42
N ALA B 171 -18.73 4.80 4.44
CA ALA B 171 -19.54 4.78 3.22
C ALA B 171 -19.23 5.86 2.20
N LYS B 172 -18.46 6.89 2.52
CA LYS B 172 -18.11 7.93 1.60
C LYS B 172 -16.66 7.81 1.15
N GLN B 173 -15.86 6.92 1.72
CA GLN B 173 -14.47 6.81 1.21
C GLN B 173 -14.54 5.93 -0.05
N ALA B 174 -14.11 6.37 -1.21
CA ALA B 174 -14.37 5.64 -2.43
C ALA B 174 -13.17 4.83 -2.96
N LEU B 175 -12.01 4.95 -2.36
CA LEU B 175 -10.85 4.20 -2.84
C LEU B 175 -10.90 2.77 -2.31
N THR B 176 -10.29 1.77 -2.96
CA THR B 176 -10.26 0.42 -2.43
C THR B 176 -9.30 0.25 -1.25
N ILE B 177 -9.76 0.43 -0.02
CA ILE B 177 -9.03 0.47 1.21
C ILE B 177 -9.77 -0.26 2.33
N ASN B 178 -9.02 -1.12 3.07
CA ASN B 178 -9.63 -1.73 4.24
C ASN B 178 -9.53 -0.71 5.39
N TRP B 179 -10.57 -0.57 6.19
CA TRP B 179 -10.63 0.33 7.34
C TRP B 179 -10.94 -0.46 8.59
N TYR B 180 -10.37 -0.11 9.74
CA TYR B 180 -10.54 -0.88 10.96
C TYR B 180 -10.91 0.05 12.12
N TYR B 181 -11.69 -0.49 13.01
CA TYR B 181 -12.24 0.20 14.17
C TYR B 181 -11.95 -0.45 15.51
N ALA B 182 -11.69 0.28 16.59
CA ALA B 182 -11.77 -0.29 17.94
C ALA B 182 -12.36 0.77 18.88
N ASP B 183 -12.91 0.41 20.03
CA ASP B 183 -13.40 1.47 20.93
C ASP B 183 -13.19 1.20 22.41
N VAL B 184 -13.51 2.18 23.27
CA VAL B 184 -13.29 2.13 24.69
C VAL B 184 -14.08 1.00 25.38
N ASN B 185 -15.21 0.59 24.83
CA ASN B 185 -15.93 -0.51 25.47
C ASN B 185 -15.44 -1.88 24.99
N GLY B 186 -14.45 -1.97 24.10
CA GLY B 186 -14.05 -3.27 23.60
C GLY B 186 -14.72 -3.78 22.34
N ASN B 187 -15.51 -3.04 21.61
CA ASN B 187 -16.01 -3.41 20.30
C ASN B 187 -14.92 -3.29 19.23
N ILE B 188 -14.97 -4.12 18.17
CA ILE B 188 -13.99 -4.02 17.08
C ILE B 188 -14.72 -4.21 15.75
N GLY B 189 -14.29 -3.63 14.64
CA GLY B 189 -14.93 -3.78 13.35
C GLY B 189 -13.98 -3.53 12.18
N TYR B 190 -14.44 -3.96 11.00
CA TYR B 190 -13.68 -3.88 9.77
C TYR B 190 -14.63 -3.60 8.60
N VAL B 191 -14.21 -2.79 7.63
CA VAL B 191 -15.01 -2.47 6.47
C VAL B 191 -14.02 -2.47 5.29
N HIS B 192 -14.30 -3.23 4.25
CA HIS B 192 -13.55 -3.12 3.01
C HIS B 192 -14.29 -1.97 2.26
N THR B 193 -13.70 -0.77 2.38
CA THR B 193 -14.37 0.40 1.78
C THR B 193 -14.14 0.52 0.28
N GLY B 194 -14.93 1.39 -0.34
CA GLY B 194 -14.70 1.86 -1.69
C GLY B 194 -15.90 1.73 -2.60
N ALA B 195 -15.88 2.36 -3.76
CA ALA B 195 -16.87 2.31 -4.80
C ALA B 195 -16.53 1.18 -5.77
N TYR B 196 -17.44 0.27 -6.09
CA TYR B 196 -17.20 -0.84 -7.03
C TYR B 196 -18.33 -0.73 -8.07
N PRO B 197 -18.00 -0.90 -9.32
CA PRO B 197 -18.93 -0.89 -10.43
C PRO B 197 -20.03 -1.93 -10.39
N ASP B 198 -21.19 -1.65 -10.97
CA ASP B 198 -22.31 -2.58 -11.04
C ASP B 198 -22.30 -3.04 -12.49
N ARG B 199 -21.59 -4.17 -12.73
CA ARG B 199 -21.30 -4.52 -14.11
C ARG B 199 -22.45 -5.28 -14.75
N GLN B 200 -22.58 -5.18 -16.05
CA GLN B 200 -23.52 -5.90 -16.89
C GLN B 200 -23.21 -7.41 -16.80
N SER B 201 -24.22 -8.23 -16.90
CA SER B 201 -24.07 -9.68 -16.97
C SER B 201 -23.16 -10.07 -18.11
N GLY B 202 -22.22 -10.98 -17.84
CA GLY B 202 -21.31 -11.44 -18.89
C GLY B 202 -20.01 -10.67 -19.02
N HIS B 203 -19.86 -9.62 -18.19
CA HIS B 203 -18.65 -8.82 -18.22
C HIS B 203 -17.57 -9.55 -17.40
N ASP B 204 -16.48 -9.96 -18.00
CA ASP B 204 -15.41 -10.62 -17.20
C ASP B 204 -14.46 -9.48 -16.83
N PRO B 205 -14.37 -9.12 -15.58
CA PRO B 205 -13.65 -7.95 -15.14
C PRO B 205 -12.17 -8.03 -15.32
N ARG B 206 -11.55 -9.08 -15.89
CA ARG B 206 -10.10 -9.20 -15.97
C ARG B 206 -9.58 -8.76 -17.30
N LEU B 207 -10.52 -8.50 -18.20
CA LEU B 207 -10.22 -8.20 -19.60
C LEU B 207 -11.02 -7.00 -20.11
N PRO B 208 -10.57 -6.37 -21.14
CA PRO B 208 -11.20 -5.19 -21.72
C PRO B 208 -12.62 -5.34 -22.22
N VAL B 209 -13.42 -4.28 -22.17
CA VAL B 209 -14.75 -4.33 -22.76
C VAL B 209 -14.85 -3.25 -23.84
N PRO B 210 -15.67 -3.56 -24.84
CA PRO B 210 -15.97 -2.63 -25.93
C PRO B 210 -16.55 -1.33 -25.38
N GLY B 211 -16.12 -0.17 -25.88
CA GLY B 211 -16.61 1.09 -25.33
C GLY B 211 -17.81 1.68 -26.09
N THR B 212 -18.45 0.88 -26.94
CA THR B 212 -19.53 1.40 -27.77
C THR B 212 -20.86 1.57 -27.08
N GLY B 213 -21.11 1.22 -25.83
CA GLY B 213 -22.39 1.46 -25.19
C GLY B 213 -23.02 0.34 -24.40
N LYS B 214 -23.03 -0.87 -24.96
CA LYS B 214 -23.68 -2.02 -24.34
C LYS B 214 -22.94 -2.55 -23.14
N TRP B 215 -21.66 -2.32 -22.99
CA TRP B 215 -20.93 -2.85 -21.83
C TRP B 215 -20.75 -1.87 -20.69
N ASP B 216 -21.33 -0.69 -20.82
CA ASP B 216 -21.14 0.39 -19.84
C ASP B 216 -21.65 -0.07 -18.48
N TRP B 217 -20.99 0.27 -17.39
CA TRP B 217 -21.44 -0.07 -16.06
C TRP B 217 -22.86 0.48 -15.89
N LYS B 218 -23.65 -0.13 -15.05
CA LYS B 218 -25.00 0.28 -14.78
C LYS B 218 -24.97 1.33 -13.68
N GLY B 219 -23.89 1.44 -12.93
CA GLY B 219 -23.84 2.35 -11.79
C GLY B 219 -22.80 1.79 -10.81
N LEU B 220 -22.99 2.07 -9.52
CA LEU B 220 -22.06 1.60 -8.51
C LEU B 220 -22.83 0.74 -7.52
N LEU B 221 -22.23 -0.22 -6.86
CA LEU B 221 -22.94 -1.12 -5.97
C LEU B 221 -23.16 -0.36 -4.69
N PRO B 222 -24.16 -0.69 -3.93
CA PRO B 222 -24.49 0.03 -2.69
C PRO B 222 -23.45 -0.39 -1.66
N PHE B 223 -23.32 0.40 -0.61
CA PHE B 223 -22.50 0.16 0.53
C PHE B 223 -22.90 -1.11 1.27
N GLU B 224 -24.16 -1.54 1.25
CA GLU B 224 -24.55 -2.80 1.90
C GLU B 224 -23.73 -3.98 1.30
N MET B 225 -23.28 -3.95 0.07
CA MET B 225 -22.48 -4.99 -0.53
C MET B 225 -21.03 -5.01 -0.04
N ASN B 226 -20.52 -3.91 0.51
CA ASN B 226 -19.12 -3.90 0.90
C ASN B 226 -18.89 -4.88 2.07
N PRO B 227 -17.94 -5.78 1.91
CA PRO B 227 -17.59 -6.73 2.96
C PRO B 227 -17.30 -6.02 4.28
N LYS B 228 -17.95 -6.43 5.36
CA LYS B 228 -17.83 -5.75 6.63
C LYS B 228 -18.15 -6.66 7.80
N VAL B 229 -17.55 -6.54 8.98
CA VAL B 229 -17.87 -7.37 10.13
C VAL B 229 -17.72 -6.55 11.41
N TYR B 230 -18.57 -6.81 12.39
CA TYR B 230 -18.55 -6.09 13.65
C TYR B 230 -18.54 -7.07 14.81
N ASN B 231 -17.55 -6.98 15.70
CA ASN B 231 -17.55 -7.96 16.81
C ASN B 231 -17.68 -9.39 16.28
N PRO B 232 -16.68 -9.81 15.48
CA PRO B 232 -16.58 -11.18 14.95
C PRO B 232 -16.60 -12.27 16.00
N GLN B 233 -17.21 -13.45 15.78
CA GLN B 233 -17.20 -14.58 16.72
C GLN B 233 -15.79 -14.98 17.15
N SER B 234 -14.76 -14.99 16.32
CA SER B 234 -13.38 -15.22 16.67
C SER B 234 -12.84 -14.35 17.78
N GLY B 235 -13.22 -13.08 17.93
CA GLY B 235 -12.51 -12.21 18.88
C GLY B 235 -11.40 -11.41 18.24
N TYR B 236 -11.14 -11.50 16.94
CA TYR B 236 -10.05 -10.67 16.39
C TYR B 236 -10.22 -10.46 14.91
N ILE B 237 -9.56 -9.48 14.31
CA ILE B 237 -9.55 -9.17 12.89
C ILE B 237 -8.05 -9.12 12.50
N ALA B 238 -7.67 -9.84 11.43
CA ALA B 238 -6.30 -9.82 10.93
C ALA B 238 -6.28 -9.73 9.42
N ASN B 239 -5.30 -8.96 8.92
CA ASN B 239 -5.26 -8.76 7.45
C ASN B 239 -3.82 -8.47 7.07
N TRP B 240 -3.45 -8.94 5.88
CA TRP B 240 -2.09 -8.60 5.39
C TRP B 240 -2.28 -8.46 3.90
N ASN B 241 -3.35 -7.78 3.51
CA ASN B 241 -3.66 -7.54 2.09
C ASN B 241 -4.28 -8.76 1.41
N ASN B 242 -4.78 -9.71 2.16
CA ASN B 242 -5.43 -10.91 1.85
C ASN B 242 -6.91 -10.56 1.62
N SER B 243 -7.62 -11.57 1.14
CA SER B 243 -9.01 -11.38 0.83
C SER B 243 -9.81 -10.94 2.05
N PRO B 244 -10.74 -10.03 1.82
CA PRO B 244 -11.73 -9.63 2.81
C PRO B 244 -12.67 -10.75 3.23
N GLN B 245 -13.13 -11.55 2.26
CA GLN B 245 -14.27 -12.43 2.48
C GLN B 245 -14.41 -13.49 1.40
N LYS B 246 -15.08 -14.61 1.72
CA LYS B 246 -15.27 -15.68 0.76
C LYS B 246 -15.97 -15.21 -0.50
N ASP B 247 -15.45 -15.51 -1.67
CA ASP B 247 -15.96 -15.20 -3.00
C ASP B 247 -15.75 -13.74 -3.45
N TYR B 248 -14.98 -12.94 -2.72
CA TYR B 248 -14.72 -11.58 -3.19
C TYR B 248 -13.57 -11.59 -4.16
N PRO B 249 -13.77 -11.09 -5.36
CA PRO B 249 -12.78 -11.03 -6.41
C PRO B 249 -11.72 -9.95 -6.18
N ALA B 250 -10.47 -10.22 -6.52
CA ALA B 250 -9.35 -9.34 -6.33
C ALA B 250 -9.12 -8.49 -7.59
N SER B 251 -8.26 -7.52 -7.42
CA SER B 251 -7.77 -6.65 -8.47
C SER B 251 -7.55 -7.53 -9.70
N ASP B 252 -7.58 -7.00 -10.90
CA ASP B 252 -7.31 -7.73 -12.12
C ASP B 252 -5.82 -7.80 -12.47
N LEU B 253 -4.91 -7.25 -11.66
CA LEU B 253 -3.48 -7.40 -11.94
C LEU B 253 -3.05 -8.89 -12.15
N PHE B 254 -2.31 -9.15 -13.22
CA PHE B 254 -1.91 -10.55 -13.46
C PHE B 254 -0.98 -11.04 -12.36
N ALA B 255 -0.12 -10.21 -11.77
CA ALA B 255 0.71 -10.56 -10.68
C ALA B 255 0.05 -10.57 -9.31
N PHE B 256 -1.27 -10.45 -9.16
CA PHE B 256 -1.85 -10.41 -7.82
C PHE B 256 -2.89 -11.51 -7.68
N LEU B 257 -2.85 -12.30 -6.61
CA LEU B 257 -3.82 -13.37 -6.44
C LEU B 257 -4.10 -13.58 -4.95
N TRP B 258 -5.29 -14.05 -4.66
CA TRP B 258 -5.73 -14.45 -3.35
C TRP B 258 -5.99 -15.97 -3.52
N GLY B 259 -5.10 -16.76 -2.94
CA GLY B 259 -5.16 -18.22 -3.11
C GLY B 259 -4.97 -18.92 -1.78
N GLY B 260 -4.80 -20.26 -1.81
CA GLY B 260 -4.63 -21.03 -0.59
C GLY B 260 -3.33 -20.65 0.11
N ALA B 261 -2.29 -20.28 -0.62
CA ALA B 261 -1.05 -19.80 0.01
C ALA B 261 -1.17 -18.28 0.21
N ASP B 262 -1.20 -17.80 1.42
CA ASP B 262 -1.34 -16.39 1.74
C ASP B 262 -0.54 -16.03 2.98
N ARG B 263 0.26 -14.99 3.01
CA ARG B 263 1.00 -14.62 4.23
C ARG B 263 0.16 -14.28 5.44
N VAL B 264 -1.13 -13.95 5.38
CA VAL B 264 -1.88 -13.64 6.60
C VAL B 264 -1.96 -14.83 7.52
N THR B 265 -1.90 -16.07 6.99
CA THR B 265 -1.87 -17.25 7.87
C THR B 265 -0.79 -17.18 8.96
N GLU B 266 0.36 -16.57 8.69
CA GLU B 266 1.39 -16.34 9.66
C GLU B 266 0.88 -15.50 10.82
N ILE B 267 0.00 -14.52 10.63
CA ILE B 267 -0.54 -13.76 11.76
C ILE B 267 -1.59 -14.60 12.48
N ASP B 268 -2.49 -15.21 11.70
CA ASP B 268 -3.51 -16.07 12.33
C ASP B 268 -2.95 -17.11 13.31
N ARG B 269 -1.92 -17.87 12.88
CA ARG B 269 -1.29 -18.85 13.75
C ARG B 269 -0.94 -18.15 15.08
N LEU B 270 -0.21 -17.06 15.10
CA LEU B 270 0.16 -16.42 16.35
C LEU B 270 -1.05 -15.97 17.15
N LEU B 271 -2.15 -15.47 16.55
CA LEU B 271 -3.24 -15.00 17.42
C LEU B 271 -4.01 -16.19 17.95
N GLU B 272 -4.05 -17.28 17.20
CA GLU B 272 -4.80 -18.47 17.66
C GLU B 272 -4.03 -19.27 18.69
N GLN B 273 -2.72 -19.12 18.75
CA GLN B 273 -1.87 -19.83 19.68
C GLN B 273 -2.22 -19.63 21.15
N LYS B 274 -2.58 -18.43 21.56
CA LYS B 274 -2.88 -18.09 22.94
C LYS B 274 -4.35 -17.71 23.02
N PRO B 275 -4.99 -18.12 24.08
CA PRO B 275 -6.38 -17.81 24.38
C PRO B 275 -6.54 -16.31 24.60
N ARG B 276 -5.69 -15.57 25.30
CA ARG B 276 -5.77 -14.14 25.42
C ARG B 276 -4.39 -13.54 25.23
N LEU B 277 -4.27 -12.32 24.76
CA LEU B 277 -2.97 -11.69 24.60
C LEU B 277 -2.98 -10.40 25.40
N THR B 278 -1.81 -9.93 25.78
CA THR B 278 -1.65 -8.62 26.42
C THR B 278 -1.17 -7.68 25.31
N ALA B 279 -1.06 -6.39 25.63
CA ALA B 279 -0.54 -5.41 24.70
C ALA B 279 0.90 -5.75 24.29
N ASP B 280 1.68 -6.17 25.28
CA ASP B 280 3.08 -6.53 25.07
C ASP B 280 3.23 -7.75 24.16
N GLN B 281 2.35 -8.70 24.32
CA GLN B 281 2.24 -9.79 23.35
C GLN B 281 1.71 -9.37 21.99
N ALA B 282 0.71 -8.49 21.88
CA ALA B 282 0.25 -8.01 20.58
C ALA B 282 1.36 -7.21 19.89
N TRP B 283 2.18 -6.49 20.62
CA TRP B 283 3.27 -5.75 20.00
C TRP B 283 4.33 -6.73 19.47
N ASP B 284 4.62 -7.78 20.23
CA ASP B 284 5.58 -8.80 19.88
C ASP B 284 5.26 -9.65 18.66
N VAL B 285 4.05 -9.66 18.13
CA VAL B 285 3.76 -10.22 16.81
C VAL B 285 4.45 -9.43 15.71
N ILE B 286 4.81 -8.16 15.93
CA ILE B 286 5.51 -7.39 14.90
C ILE B 286 6.88 -8.05 14.71
N ARG B 287 7.57 -8.31 15.81
CA ARG B 287 8.86 -8.94 15.78
C ARG B 287 8.87 -10.34 15.11
N GLN B 288 8.04 -11.26 15.54
CA GLN B 288 7.95 -12.54 14.83
C GLN B 288 7.67 -12.48 13.33
N THR B 289 6.51 -11.93 12.93
CA THR B 289 6.19 -11.84 11.51
C THR B 289 7.24 -11.07 10.74
N SER B 290 7.89 -10.04 11.24
CA SER B 290 8.99 -9.38 10.56
C SER B 290 10.09 -10.31 10.06
N ARG B 291 10.33 -11.39 10.86
CA ARG B 291 11.48 -12.21 10.63
C ARG B 291 11.12 -13.59 10.03
N GLN B 292 9.84 -13.83 9.78
CA GLN B 292 9.39 -15.13 9.29
C GLN B 292 9.55 -15.40 7.82
N ASP B 293 10.26 -16.46 7.40
CA ASP B 293 10.27 -16.88 5.98
C ASP B 293 8.83 -17.28 5.64
N LEU B 294 8.23 -16.80 4.60
CA LEU B 294 6.89 -17.03 4.13
C LEU B 294 6.75 -18.30 3.28
N ASN B 295 7.83 -18.82 2.67
CA ASN B 295 7.67 -20.05 1.88
C ASN B 295 7.81 -21.37 2.63
N LEU B 296 8.48 -21.44 3.74
CA LEU B 296 8.73 -22.62 4.51
C LEU B 296 7.51 -23.47 4.79
N ARG B 297 6.51 -22.93 5.43
CA ARG B 297 5.26 -23.56 5.83
C ARG B 297 4.60 -24.11 4.57
N LEU B 298 4.66 -23.48 3.41
CA LEU B 298 3.96 -23.85 2.22
C LEU B 298 4.51 -25.11 1.56
N PHE B 299 5.81 -25.24 1.42
CA PHE B 299 6.44 -26.29 0.65
C PHE B 299 7.27 -27.27 1.50
N LEU B 300 7.36 -27.15 2.82
CA LEU B 300 8.06 -28.12 3.63
C LEU B 300 7.44 -29.54 3.60
N PRO B 301 6.16 -29.71 3.73
CA PRO B 301 5.49 -30.99 3.54
C PRO B 301 5.83 -31.65 2.22
N THR B 302 5.87 -30.98 1.07
CA THR B 302 6.19 -31.48 -0.24
C THR B 302 7.65 -31.98 -0.36
N LEU B 303 8.59 -31.25 0.22
CA LEU B 303 9.99 -31.56 0.30
C LEU B 303 10.22 -32.77 1.21
N GLN B 304 9.45 -32.91 2.26
CA GLN B 304 9.60 -34.00 3.20
C GLN B 304 9.15 -35.31 2.57
N ALA B 305 8.04 -35.29 1.83
CA ALA B 305 7.48 -36.46 1.23
C ALA B 305 8.40 -36.95 0.12
N ALA B 306 8.95 -36.04 -0.64
CA ALA B 306 9.80 -36.42 -1.75
C ALA B 306 11.13 -37.01 -1.30
N THR B 307 11.69 -36.68 -0.14
CA THR B 307 13.02 -37.14 0.20
C THR B 307 12.91 -38.24 1.26
N SER B 308 11.71 -38.68 1.58
CA SER B 308 11.47 -39.65 2.60
C SER B 308 12.08 -41.04 2.37
N GLY B 309 12.29 -41.49 1.16
CA GLY B 309 12.91 -42.75 0.88
C GLY B 309 14.39 -42.60 0.53
N LEU B 310 15.01 -41.46 0.82
CA LEU B 310 16.39 -41.23 0.45
C LEU B 310 17.32 -41.62 1.61
N THR B 311 18.54 -41.98 1.24
CA THR B 311 19.51 -42.30 2.27
C THR B 311 20.02 -40.99 2.87
N GLN B 312 20.55 -41.17 4.06
CA GLN B 312 21.15 -40.11 4.87
C GLN B 312 22.34 -39.43 4.24
N SER B 313 23.08 -40.10 3.37
CA SER B 313 24.21 -39.47 2.71
C SER B 313 23.78 -38.82 1.42
N ASP B 314 22.51 -38.84 1.04
CA ASP B 314 22.11 -38.16 -0.19
C ASP B 314 21.97 -36.68 0.25
N PRO B 315 22.69 -35.80 -0.38
CA PRO B 315 22.69 -34.37 -0.09
C PRO B 315 21.34 -33.69 -0.33
N ARG B 316 20.47 -34.10 -1.25
CA ARG B 316 19.10 -33.60 -1.35
C ARG B 316 18.33 -33.83 -0.05
N ARG B 317 18.59 -34.96 0.62
CA ARG B 317 17.92 -35.23 1.88
C ARG B 317 18.47 -34.36 3.03
N GLN B 318 19.77 -34.11 3.02
CA GLN B 318 20.37 -33.31 4.06
C GLN B 318 19.86 -31.86 4.00
N LEU B 319 19.70 -31.31 2.79
CA LEU B 319 19.04 -30.03 2.60
C LEU B 319 17.63 -30.03 3.23
N VAL B 320 16.81 -31.06 3.05
CA VAL B 320 15.49 -31.07 3.70
C VAL B 320 15.52 -31.27 5.21
N GLU B 321 16.56 -31.92 5.74
CA GLU B 321 16.62 -32.03 7.20
C GLU B 321 17.06 -30.74 7.85
N THR B 322 17.96 -29.99 7.22
CA THR B 322 18.27 -28.65 7.72
C THR B 322 16.97 -27.83 7.81
N LEU B 323 16.12 -27.80 6.78
CA LEU B 323 14.85 -27.11 6.79
C LEU B 323 13.94 -27.67 7.87
N THR B 324 13.91 -28.96 8.13
CA THR B 324 13.04 -29.57 9.12
C THR B 324 13.39 -29.18 10.55
N ARG B 325 14.63 -28.83 10.83
CA ARG B 325 15.01 -28.42 12.17
C ARG B 325 14.74 -26.93 12.43
N TRP B 326 14.46 -26.12 11.42
CA TRP B 326 14.38 -24.66 11.45
C TRP B 326 12.96 -24.23 11.79
N ASP B 327 12.72 -23.14 12.49
CA ASP B 327 11.34 -22.69 12.70
C ASP B 327 11.03 -21.60 11.66
N GLY B 328 11.99 -21.19 10.83
CA GLY B 328 11.67 -20.24 9.79
C GLY B 328 11.95 -18.80 10.17
N ILE B 329 12.31 -18.57 11.43
CA ILE B 329 12.63 -17.23 11.88
C ILE B 329 14.02 -16.82 11.47
N ASN B 330 14.27 -15.84 10.64
CA ASN B 330 15.64 -15.46 10.31
C ASN B 330 16.23 -14.62 11.42
N LEU B 331 17.50 -14.77 11.76
CA LEU B 331 18.17 -13.98 12.79
C LEU B 331 19.56 -13.62 12.31
N LEU B 332 20.06 -12.42 12.56
CA LEU B 332 21.38 -12.11 12.00
C LEU B 332 22.52 -12.80 12.78
N ASN B 333 23.64 -13.17 12.18
CA ASN B 333 24.81 -13.57 12.97
C ASN B 333 25.36 -12.31 13.64
N ASP B 334 26.50 -12.44 14.32
CA ASP B 334 27.18 -11.32 14.96
C ASP B 334 27.94 -10.41 14.02
N ASP B 335 28.17 -10.83 12.80
CA ASP B 335 28.77 -10.00 11.80
C ASP B 335 27.85 -8.93 11.26
N GLY B 336 26.55 -8.96 11.57
CA GLY B 336 25.63 -7.98 10.99
C GLY B 336 25.44 -8.14 9.49
N LYS B 337 25.82 -9.26 8.85
CA LYS B 337 25.52 -9.36 7.42
C LYS B 337 25.08 -10.73 6.93
N THR B 338 25.12 -11.78 7.74
CA THR B 338 24.69 -13.10 7.24
C THR B 338 23.66 -13.68 8.21
N TRP B 339 22.79 -14.51 7.65
CA TRP B 339 21.77 -15.15 8.47
C TRP B 339 22.37 -16.39 9.15
N GLN B 340 21.85 -16.77 10.28
CA GLN B 340 22.23 -17.83 11.15
C GLN B 340 21.90 -19.18 10.56
N GLN B 341 20.87 -19.38 9.78
CA GLN B 341 20.54 -20.63 9.12
C GLN B 341 20.37 -20.36 7.64
N PRO B 342 20.74 -21.22 6.72
CA PRO B 342 20.68 -21.07 5.30
C PRO B 342 19.36 -21.40 4.63
N GLY B 343 18.29 -21.57 5.38
CA GLY B 343 16.98 -21.92 4.86
C GLY B 343 16.39 -21.07 3.77
N SER B 344 16.43 -19.73 3.88
CA SER B 344 15.86 -18.88 2.83
C SER B 344 16.72 -19.01 1.62
N ALA B 345 18.04 -19.16 1.68
CA ALA B 345 18.77 -19.34 0.42
C ALA B 345 18.39 -20.65 -0.30
N ILE B 346 18.17 -21.75 0.46
CA ILE B 346 17.79 -23.02 -0.11
C ILE B 346 16.41 -22.96 -0.78
N LEU B 347 15.43 -22.40 -0.04
CA LEU B 347 14.10 -22.21 -0.67
C LEU B 347 14.13 -21.35 -1.90
N ASN B 348 15.01 -20.33 -1.85
CA ASN B 348 15.10 -19.43 -3.00
C ASN B 348 15.58 -20.17 -4.23
N VAL B 349 16.72 -20.85 -4.11
CA VAL B 349 17.19 -21.59 -5.30
C VAL B 349 16.27 -22.74 -5.69
N TRP B 350 15.68 -23.45 -4.72
CA TRP B 350 14.74 -24.53 -5.05
C TRP B 350 13.57 -24.02 -5.88
N LEU B 351 12.93 -22.98 -5.39
CA LEU B 351 11.69 -22.42 -5.98
C LEU B 351 11.99 -21.86 -7.36
N THR B 352 13.15 -21.24 -7.55
CA THR B 352 13.46 -20.72 -8.87
C THR B 352 13.52 -21.86 -9.87
N SER B 353 14.17 -22.96 -9.46
CA SER B 353 14.26 -24.13 -10.33
C SER B 353 12.91 -24.80 -10.54
N MET B 354 12.10 -24.88 -9.50
CA MET B 354 10.77 -25.49 -9.63
C MET B 354 9.90 -24.68 -10.56
N LEU B 355 9.99 -23.33 -10.49
CA LEU B 355 9.09 -22.53 -11.35
C LEU B 355 9.52 -22.67 -12.80
N LYS B 356 10.83 -22.67 -13.00
CA LYS B 356 11.35 -22.83 -14.36
C LYS B 356 10.99 -24.19 -14.95
N ARG B 357 10.83 -25.27 -14.17
CA ARG B 357 10.42 -26.55 -14.74
C ARG B 357 8.89 -26.68 -14.88
N THR B 358 8.07 -25.88 -14.22
CA THR B 358 6.63 -26.07 -14.16
C THR B 358 5.82 -24.94 -14.80
N VAL B 359 5.54 -23.86 -14.07
CA VAL B 359 4.73 -22.75 -14.55
C VAL B 359 5.33 -22.05 -15.76
N VAL B 360 6.61 -21.73 -15.64
CA VAL B 360 7.31 -21.04 -16.72
C VAL B 360 7.20 -21.86 -17.99
N ALA B 361 7.41 -23.18 -17.93
CA ALA B 361 7.35 -24.01 -19.12
C ALA B 361 5.98 -24.02 -19.78
N ALA B 362 4.87 -23.93 -19.06
CA ALA B 362 3.56 -23.95 -19.74
C ALA B 362 3.17 -22.62 -20.38
N VAL B 363 3.88 -21.53 -20.09
CA VAL B 363 3.50 -20.21 -20.60
C VAL B 363 4.39 -19.77 -21.74
N PRO B 364 3.78 -19.33 -22.85
CA PRO B 364 4.45 -18.86 -24.04
C PRO B 364 5.25 -17.58 -23.80
N MET B 365 6.43 -17.48 -24.40
CA MET B 365 7.26 -16.29 -24.32
C MET B 365 6.55 -15.14 -25.06
N PRO B 366 6.66 -13.94 -24.51
CA PRO B 366 7.46 -13.58 -23.37
C PRO B 366 6.73 -13.42 -22.06
N PHE B 367 5.56 -14.00 -21.91
CA PHE B 367 4.81 -13.99 -20.68
C PHE B 367 5.37 -14.95 -19.63
N ASP B 368 6.24 -15.86 -20.03
CA ASP B 368 6.84 -16.76 -19.05
C ASP B 368 7.59 -16.04 -17.94
N LYS B 369 8.29 -14.97 -18.24
CA LYS B 369 8.98 -14.08 -17.33
C LYS B 369 8.06 -13.45 -16.27
N TRP B 370 6.74 -13.38 -16.46
CA TRP B 370 5.91 -12.97 -15.33
C TRP B 370 5.88 -14.00 -14.20
N TYR B 371 6.18 -15.29 -14.44
CA TYR B 371 5.94 -16.26 -13.39
C TYR B 371 7.23 -16.92 -12.90
N SER B 372 8.37 -16.36 -13.22
CA SER B 372 9.61 -16.97 -12.77
C SER B 372 10.17 -16.46 -11.46
N ALA B 373 9.66 -15.40 -10.83
CA ALA B 373 10.35 -14.86 -9.66
C ALA B 373 10.03 -15.70 -8.44
N SER B 374 11.00 -15.90 -7.59
CA SER B 374 10.79 -16.73 -6.41
C SER B 374 10.21 -15.92 -5.25
N GLY B 375 10.39 -14.60 -5.31
CA GLY B 375 9.85 -13.75 -4.27
C GLY B 375 10.93 -13.33 -3.31
N TYR B 376 12.18 -13.65 -3.59
CA TYR B 376 13.28 -13.32 -2.70
C TYR B 376 14.14 -12.29 -3.43
N GLU B 377 13.74 -11.95 -4.64
CA GLU B 377 14.55 -10.97 -5.38
C GLU B 377 14.65 -9.64 -4.66
N THR B 378 15.89 -9.17 -4.50
CA THR B 378 16.23 -7.88 -3.93
C THR B 378 17.53 -7.37 -4.59
N THR B 379 18.01 -6.21 -4.11
CA THR B 379 19.39 -5.79 -4.38
C THR B 379 20.16 -5.51 -3.10
N GLN B 380 21.32 -4.86 -3.20
CA GLN B 380 22.15 -4.58 -2.03
C GLN B 380 21.50 -3.62 -1.06
N ASP B 381 20.68 -2.69 -1.56
CA ASP B 381 19.90 -1.85 -0.66
C ASP B 381 18.72 -2.58 -0.04
N GLY B 382 18.36 -3.78 -0.50
CA GLY B 382 17.26 -4.56 0.04
C GLY B 382 15.92 -4.34 -0.65
N PRO B 383 14.91 -5.10 -0.25
CA PRO B 383 13.57 -4.95 -0.80
C PRO B 383 13.10 -3.49 -0.70
N THR B 384 12.33 -3.05 -1.67
CA THR B 384 11.67 -1.76 -1.73
C THR B 384 10.34 -1.81 -1.01
N GLY B 385 9.82 -2.98 -0.66
CA GLY B 385 8.55 -2.97 0.11
C GLY B 385 8.52 -4.27 0.93
N SER B 386 7.30 -4.75 1.13
CA SER B 386 7.13 -5.97 1.87
C SER B 386 7.64 -7.16 1.05
N LEU B 387 7.94 -8.22 1.76
CA LEU B 387 8.13 -9.56 1.23
C LEU B 387 6.74 -10.22 1.17
N ASN B 388 6.53 -10.90 0.06
CA ASN B 388 5.29 -11.66 -0.12
C ASN B 388 5.64 -13.02 -0.78
N ILE B 389 4.66 -13.87 -0.93
CA ILE B 389 4.78 -15.11 -1.71
C ILE B 389 4.61 -14.73 -3.16
N SER B 390 5.43 -14.99 -4.13
CA SER B 390 5.26 -14.66 -5.52
C SER B 390 4.09 -15.33 -6.23
N VAL B 391 3.64 -14.77 -7.36
CA VAL B 391 2.53 -15.31 -8.08
C VAL B 391 2.76 -16.81 -8.52
N GLY B 392 3.90 -17.03 -9.16
CA GLY B 392 4.38 -18.31 -9.63
C GLY B 392 4.31 -19.29 -8.46
N ALA B 393 4.77 -18.89 -7.27
CA ALA B 393 4.67 -19.76 -6.10
C ALA B 393 3.25 -20.00 -5.62
N LYS B 394 2.30 -19.07 -5.76
CA LYS B 394 0.91 -19.36 -5.36
C LYS B 394 0.30 -20.30 -6.39
N ILE B 395 0.65 -20.15 -7.68
CA ILE B 395 0.14 -21.07 -8.69
C ILE B 395 0.75 -22.47 -8.50
N LEU B 396 2.03 -22.59 -8.16
CA LEU B 396 2.69 -23.86 -7.89
C LEU B 396 2.09 -24.48 -6.64
N TYR B 397 1.67 -23.67 -5.64
CA TYR B 397 1.11 -24.27 -4.43
C TYR B 397 -0.20 -25.02 -4.74
N GLU B 398 -1.01 -24.51 -5.64
CA GLU B 398 -2.27 -25.12 -6.00
C GLU B 398 -2.01 -26.45 -6.72
N ALA B 399 -1.05 -26.46 -7.65
CA ALA B 399 -0.60 -27.68 -8.33
C ALA B 399 -0.07 -28.77 -7.39
N VAL B 400 0.71 -28.43 -6.36
CA VAL B 400 1.18 -29.46 -5.43
C VAL B 400 0.08 -29.87 -4.46
N GLN B 401 -1.08 -29.23 -4.42
CA GLN B 401 -2.17 -29.68 -3.57
C GLN B 401 -2.97 -30.78 -4.28
N GLY B 402 -2.87 -30.96 -5.57
CA GLY B 402 -3.59 -32.03 -6.23
C GLY B 402 -5.07 -31.75 -6.34
N ASP B 403 -5.94 -32.75 -6.21
CA ASP B 403 -7.38 -32.51 -6.27
C ASP B 403 -7.95 -31.89 -5.01
N LYS B 404 -7.10 -31.56 -4.04
CA LYS B 404 -7.43 -30.80 -2.84
C LYS B 404 -7.53 -29.31 -3.17
N SER B 405 -6.96 -28.85 -4.28
CA SER B 405 -7.10 -27.48 -4.74
C SER B 405 -8.42 -27.36 -5.49
N PRO B 406 -9.16 -26.29 -5.25
CA PRO B 406 -10.40 -25.99 -5.95
C PRO B 406 -10.16 -25.50 -7.37
N ILE B 407 -8.94 -25.18 -7.79
CA ILE B 407 -8.62 -24.69 -9.11
C ILE B 407 -8.31 -25.80 -10.11
N PRO B 408 -9.15 -25.90 -11.13
CA PRO B 408 -9.04 -26.95 -12.15
C PRO B 408 -7.70 -26.86 -12.83
N GLN B 409 -6.93 -27.95 -12.85
CA GLN B 409 -5.62 -27.91 -13.49
C GLN B 409 -5.77 -28.25 -14.97
N ALA B 410 -6.06 -27.22 -15.76
CA ALA B 410 -6.30 -27.36 -17.18
C ALA B 410 -5.05 -27.89 -17.88
N VAL B 411 -3.85 -27.49 -17.52
CA VAL B 411 -2.65 -28.10 -17.98
C VAL B 411 -1.98 -28.67 -16.72
N ASP B 412 -1.42 -29.86 -16.91
CA ASP B 412 -0.64 -30.51 -15.86
C ASP B 412 0.70 -29.80 -15.85
N LEU B 413 0.99 -29.10 -14.78
CA LEU B 413 2.20 -28.31 -14.71
C LEU B 413 3.44 -29.21 -14.47
N PHE B 414 3.31 -30.45 -14.04
CA PHE B 414 4.34 -31.44 -13.91
C PHE B 414 4.54 -32.24 -15.20
N ALA B 415 3.80 -31.95 -16.26
CA ALA B 415 3.90 -32.55 -17.58
C ALA B 415 4.07 -34.07 -17.60
N GLY B 416 3.18 -34.82 -16.93
CA GLY B 416 3.25 -36.26 -16.95
C GLY B 416 4.19 -36.88 -15.94
N LYS B 417 5.18 -36.18 -15.39
CA LYS B 417 6.06 -36.77 -14.39
C LYS B 417 5.42 -36.69 -13.00
N PRO B 418 5.68 -37.67 -12.18
CA PRO B 418 5.28 -37.72 -10.79
C PRO B 418 5.92 -36.53 -10.09
N GLN B 419 5.24 -35.89 -9.20
CA GLN B 419 5.68 -34.69 -8.52
C GLN B 419 7.06 -34.76 -7.90
N GLN B 420 7.25 -35.84 -7.15
CA GLN B 420 8.48 -36.18 -6.44
C GLN B 420 9.67 -36.18 -7.38
N GLU B 421 9.49 -36.63 -8.61
CA GLU B 421 10.61 -36.58 -9.52
C GLU B 421 11.02 -35.16 -9.85
N VAL B 422 10.05 -34.25 -10.00
CA VAL B 422 10.34 -32.84 -10.30
C VAL B 422 10.90 -32.15 -9.04
N VAL B 423 10.36 -32.47 -7.89
CA VAL B 423 10.94 -31.88 -6.66
C VAL B 423 12.37 -32.29 -6.40
N LEU B 424 12.77 -33.52 -6.72
CA LEU B 424 14.08 -34.10 -6.48
C LEU B 424 15.03 -33.55 -7.52
N ALA B 425 14.59 -33.35 -8.75
CA ALA B 425 15.51 -32.71 -9.71
C ALA B 425 15.81 -31.26 -9.33
N ALA B 426 14.81 -30.51 -8.84
CA ALA B 426 15.06 -29.12 -8.41
C ALA B 426 15.98 -29.13 -7.19
N LEU B 427 15.78 -30.15 -6.32
CA LEU B 427 16.63 -30.24 -5.12
C LEU B 427 18.09 -30.52 -5.49
N GLU B 428 18.34 -31.21 -6.61
CA GLU B 428 19.67 -31.50 -7.12
C GLU B 428 20.29 -30.24 -7.74
N ASP B 429 19.45 -29.46 -8.39
CA ASP B 429 19.86 -28.16 -8.95
C ASP B 429 20.30 -27.25 -7.77
N THR B 430 19.57 -27.28 -6.65
CA THR B 430 19.88 -26.44 -5.51
C THR B 430 21.20 -26.83 -4.88
N TRP B 431 21.36 -28.14 -4.67
CA TRP B 431 22.62 -28.63 -4.08
C TRP B 431 23.82 -28.25 -4.93
N GLU B 432 23.70 -28.40 -6.23
CA GLU B 432 24.73 -28.06 -7.20
C GLU B 432 25.15 -26.57 -7.17
N THR B 433 24.16 -25.67 -7.25
CA THR B 433 24.42 -24.25 -7.09
C THR B 433 24.98 -23.85 -5.74
N LEU B 434 24.38 -24.19 -4.61
CA LEU B 434 24.90 -23.74 -3.33
C LEU B 434 26.18 -24.39 -2.87
N SER B 435 26.41 -25.68 -3.09
CA SER B 435 27.62 -26.37 -2.60
C SER B 435 28.80 -25.79 -3.36
N LYS B 436 28.61 -25.41 -4.60
CA LYS B 436 29.65 -24.83 -5.41
C LYS B 436 30.18 -23.54 -4.78
N ARG B 437 29.28 -22.69 -4.27
CA ARG B 437 29.71 -21.43 -3.67
C ARG B 437 30.17 -21.53 -2.22
N TYR B 438 29.47 -22.33 -1.42
CA TYR B 438 29.75 -22.49 -0.03
C TYR B 438 30.50 -23.75 0.41
N GLY B 439 30.56 -24.77 -0.44
CA GLY B 439 31.20 -26.01 0.00
C GLY B 439 30.14 -27.02 0.43
N ASN B 440 30.61 -28.17 0.95
CA ASN B 440 29.77 -29.30 1.27
C ASN B 440 29.32 -29.35 2.71
N ASN B 441 29.95 -28.59 3.58
CA ASN B 441 29.57 -28.59 5.01
C ASN B 441 28.48 -27.57 5.28
N VAL B 442 27.23 -28.00 5.20
CA VAL B 442 26.05 -27.23 5.35
C VAL B 442 26.02 -26.38 6.62
N SER B 443 26.59 -26.88 7.71
CA SER B 443 26.64 -26.23 8.99
C SER B 443 27.55 -25.01 9.03
N ASN B 444 28.45 -24.79 8.08
CA ASN B 444 29.20 -23.55 8.18
C ASN B 444 28.75 -22.58 7.08
N TRP B 445 27.65 -22.86 6.41
CA TRP B 445 27.13 -21.96 5.37
C TRP B 445 26.67 -20.64 6.01
N LYS B 446 27.26 -19.54 5.62
CA LYS B 446 26.91 -18.21 6.10
C LYS B 446 26.36 -17.44 4.91
N THR B 447 25.05 -17.45 4.73
CA THR B 447 24.36 -16.83 3.61
C THR B 447 23.93 -15.40 3.88
N PRO B 448 23.98 -14.56 2.89
CA PRO B 448 23.72 -13.11 2.99
C PRO B 448 22.31 -12.76 3.45
N ALA B 449 22.25 -11.93 4.49
CA ALA B 449 21.00 -11.35 4.97
C ALA B 449 20.57 -10.20 4.07
N MET B 450 19.29 -9.92 4.02
CA MET B 450 18.67 -8.76 3.41
C MET B 450 18.86 -7.59 4.37
N ALA B 451 19.23 -6.43 3.85
CA ALA B 451 19.29 -5.21 4.68
C ALA B 451 18.09 -4.30 4.37
N LEU B 452 18.03 -3.14 5.01
CA LEU B 452 16.96 -2.14 4.85
C LEU B 452 17.44 -0.70 4.65
N THR B 453 17.05 -0.08 3.56
CA THR B 453 17.43 1.30 3.20
C THR B 453 16.31 2.35 3.32
N PHE B 454 16.50 3.44 4.06
CA PHE B 454 15.55 4.57 4.12
C PHE B 454 16.00 5.48 2.97
N ARG B 455 15.29 5.43 1.85
CA ARG B 455 15.70 6.15 0.65
C ARG B 455 15.42 7.66 0.60
N ALA B 456 16.28 8.39 -0.10
CA ALA B 456 16.27 9.82 -0.26
C ALA B 456 15.30 10.18 -1.40
N ASN B 457 15.03 9.24 -2.31
CA ASN B 457 14.07 9.40 -3.37
C ASN B 457 12.68 8.94 -2.92
N ASN B 458 11.63 9.67 -3.33
CA ASN B 458 10.31 9.21 -2.87
C ASN B 458 9.89 8.05 -3.76
N PHE B 459 8.73 7.47 -3.50
CA PHE B 459 8.27 6.28 -4.20
C PHE B 459 8.16 6.46 -5.70
N PHE B 460 8.04 7.69 -6.19
CA PHE B 460 7.99 7.91 -7.64
C PHE B 460 9.41 7.83 -8.21
N GLY B 461 10.46 7.93 -7.40
CA GLY B 461 11.78 7.94 -8.08
C GLY B 461 12.32 9.38 -8.10
N VAL B 462 11.62 10.31 -7.44
CA VAL B 462 12.03 11.68 -7.36
C VAL B 462 12.67 11.99 -6.01
N PRO B 463 13.76 12.69 -6.04
CA PRO B 463 14.45 13.13 -4.85
C PRO B 463 13.50 13.92 -3.95
N GLN B 464 13.51 13.61 -2.66
CA GLN B 464 12.88 14.40 -1.64
C GLN B 464 13.93 14.71 -0.57
N ALA B 465 15.21 14.46 -0.80
CA ALA B 465 16.25 14.69 0.20
C ALA B 465 17.57 14.60 -0.54
N ALA B 466 18.73 15.01 0.00
CA ALA B 466 19.94 14.85 -0.86
C ALA B 466 20.36 13.39 -0.70
N ALA B 467 21.14 12.87 -1.66
CA ALA B 467 21.60 11.47 -1.65
C ALA B 467 22.29 11.04 -0.38
N GLU B 468 23.07 11.86 0.31
CA GLU B 468 23.69 11.53 1.57
C GLU B 468 22.71 11.39 2.73
N GLU B 469 21.43 11.72 2.53
CA GLU B 469 20.48 11.63 3.63
C GLU B 469 19.91 10.21 3.72
N THR B 470 20.32 9.35 2.78
CA THR B 470 19.92 7.94 2.85
C THR B 470 20.35 7.26 4.15
N ARG B 471 19.51 6.47 4.81
CA ARG B 471 19.88 5.77 6.06
C ARG B 471 19.77 4.27 5.80
N HIS B 472 20.70 3.50 6.35
CA HIS B 472 20.84 2.07 6.25
C HIS B 472 20.62 1.39 7.58
N GLN B 473 19.90 0.29 7.55
CA GLN B 473 19.68 -0.54 8.74
C GLN B 473 20.07 -1.97 8.36
N ALA B 474 20.83 -2.61 9.22
CA ALA B 474 21.48 -3.90 8.96
C ALA B 474 20.45 -5.00 8.75
N GLU B 475 19.44 -5.10 9.58
CA GLU B 475 18.40 -6.07 9.45
C GLU B 475 17.13 -5.63 8.71
N TYR B 476 16.83 -6.26 7.56
CA TYR B 476 15.57 -6.17 6.87
C TYR B 476 14.47 -6.70 7.78
N GLN B 477 13.37 -5.96 7.92
CA GLN B 477 12.25 -6.37 8.74
C GLN B 477 10.97 -6.28 7.91
N ASN B 478 10.19 -7.35 7.80
CA ASN B 478 8.97 -7.35 7.01
C ASN B 478 7.85 -6.72 7.83
N ARG B 479 7.88 -5.39 7.98
CA ARG B 479 6.93 -4.73 8.91
C ARG B 479 6.50 -3.35 8.41
N GLY B 480 5.57 -2.74 9.16
CA GLY B 480 5.12 -1.44 8.74
C GLY B 480 6.22 -0.39 8.65
N THR B 481 6.09 0.54 7.72
CA THR B 481 6.91 1.72 7.52
C THR B 481 6.86 2.50 8.84
N GLU B 482 5.69 2.50 9.51
CA GLU B 482 5.57 2.92 10.88
C GLU B 482 4.75 1.82 11.59
N ASN B 483 4.78 1.65 12.88
CA ASN B 483 3.94 0.78 13.64
C ASN B 483 3.22 1.63 14.75
N ASP B 484 1.96 1.33 15.05
CA ASP B 484 1.34 2.17 16.11
C ASP B 484 0.42 1.19 16.85
N MET B 485 0.29 1.38 18.17
CA MET B 485 -0.55 0.47 18.93
C MET B 485 -1.46 1.30 19.84
N ILE B 486 -2.72 0.95 19.88
CA ILE B 486 -3.69 1.64 20.73
C ILE B 486 -4.28 0.66 21.71
N VAL B 487 -4.29 0.91 22.99
CA VAL B 487 -4.85 0.00 24.01
C VAL B 487 -5.97 0.65 24.84
N PHE B 488 -7.20 0.17 24.75
CA PHE B 488 -8.37 0.72 25.36
C PHE B 488 -8.71 0.02 26.67
N SER B 489 -9.10 0.80 27.65
CA SER B 489 -9.35 0.49 29.04
C SER B 489 -8.33 -0.46 29.68
N PRO B 490 -7.10 0.01 29.77
CA PRO B 490 -6.02 -0.76 30.35
C PRO B 490 -6.38 -1.03 31.79
N THR B 491 -6.31 -2.23 32.33
CA THR B 491 -6.45 -2.42 33.76
C THR B 491 -5.20 -1.91 34.50
N THR B 492 -4.10 -1.60 33.89
CA THR B 492 -2.87 -1.18 34.52
C THR B 492 -2.62 0.30 34.64
N SER B 493 -3.58 1.15 34.35
CA SER B 493 -3.42 2.59 34.42
C SER B 493 -4.81 3.12 34.77
N ASP B 494 -4.92 4.40 34.99
CA ASP B 494 -6.19 5.07 35.26
C ASP B 494 -6.68 5.72 33.96
N ARG B 495 -5.76 5.91 33.01
CA ARG B 495 -6.15 6.44 31.70
C ARG B 495 -7.05 5.41 31.02
N PRO B 496 -8.12 5.88 30.40
CA PRO B 496 -8.99 5.10 29.55
C PRO B 496 -8.35 4.57 28.25
N VAL B 497 -7.28 5.13 27.72
CA VAL B 497 -6.61 4.76 26.50
C VAL B 497 -5.11 4.82 26.76
N LEU B 498 -4.27 4.08 26.03
CA LEU B 498 -2.82 4.30 25.94
C LEU B 498 -2.43 4.04 24.48
N ALA B 499 -1.52 4.71 23.84
CA ALA B 499 -1.24 4.60 22.44
C ALA B 499 0.25 4.83 22.27
N TRP B 500 0.91 4.26 21.28
CA TRP B 500 2.30 4.47 21.04
C TRP B 500 2.51 4.40 19.51
N ASP B 501 3.68 4.83 19.02
CA ASP B 501 3.95 4.76 17.60
C ASP B 501 5.46 4.95 17.45
N VAL B 502 5.98 5.04 16.25
CA VAL B 502 7.43 5.25 16.09
C VAL B 502 7.47 5.78 14.67
N VAL B 503 8.10 6.91 14.40
CA VAL B 503 8.05 7.54 13.07
C VAL B 503 9.49 7.89 12.75
N ALA B 504 10.14 7.05 11.96
CA ALA B 504 11.58 7.12 11.73
C ALA B 504 11.87 7.55 10.34
N PRO B 505 12.93 8.30 10.11
CA PRO B 505 13.94 8.69 11.04
C PRO B 505 13.58 9.55 12.23
N GLY B 506 12.66 10.48 12.02
CA GLY B 506 12.17 11.38 13.06
C GLY B 506 11.04 12.30 12.60
N GLN B 507 10.51 13.13 13.50
CA GLN B 507 9.45 14.05 13.15
C GLN B 507 9.85 15.09 12.11
N SER B 508 11.05 15.63 12.24
CA SER B 508 11.52 16.65 11.33
C SER B 508 12.46 16.19 10.24
N GLY B 509 12.39 16.89 9.12
CA GLY B 509 13.30 16.72 7.99
C GLY B 509 14.15 17.97 7.88
N PHE B 510 14.08 18.88 8.86
CA PHE B 510 14.75 20.17 8.61
C PHE B 510 16.26 20.19 8.82
N ILE B 511 16.94 20.76 7.85
CA ILE B 511 18.35 21.03 7.79
C ILE B 511 18.54 22.54 7.43
N ALA B 512 19.16 23.31 8.33
CA ALA B 512 19.38 24.74 8.10
C ALA B 512 20.33 24.87 6.94
N PRO B 513 20.42 26.09 6.45
CA PRO B 513 21.32 26.42 5.35
C PRO B 513 22.77 26.25 5.72
N ASP B 514 23.18 26.34 7.00
CA ASP B 514 24.55 26.09 7.40
C ASP B 514 24.84 24.60 7.59
N GLY B 515 23.88 23.70 7.45
CA GLY B 515 24.08 22.26 7.53
C GLY B 515 23.69 21.69 8.88
N THR B 516 23.22 22.57 9.76
CA THR B 516 22.85 22.15 11.10
C THR B 516 21.54 21.37 10.95
N VAL B 517 21.48 20.19 11.52
CA VAL B 517 20.33 19.32 11.42
C VAL B 517 19.39 19.56 12.59
N ASP B 518 18.08 19.58 12.33
CA ASP B 518 17.13 19.74 13.42
C ASP B 518 17.36 18.70 14.51
N LYS B 519 17.02 19.02 15.74
CA LYS B 519 17.07 18.15 16.89
C LYS B 519 16.22 16.89 16.78
N HIS B 520 15.17 16.90 15.96
CA HIS B 520 14.28 15.75 15.83
C HIS B 520 14.38 15.11 14.46
N TYR B 521 15.53 15.24 13.82
CA TYR B 521 15.81 14.72 12.51
C TYR B 521 16.07 13.22 12.54
N GLU B 522 16.63 12.64 13.59
CA GLU B 522 16.88 11.20 13.55
C GLU B 522 16.81 10.56 14.91
N ASP B 523 15.98 11.02 15.82
CA ASP B 523 15.95 10.54 17.20
C ASP B 523 14.97 9.41 17.29
N GLN B 524 14.46 8.86 16.19
CA GLN B 524 13.56 7.71 16.33
C GLN B 524 14.15 6.53 15.54
N LEU B 525 15.21 6.69 14.83
CA LEU B 525 15.88 5.71 14.01
C LEU B 525 16.37 4.46 14.75
N LYS B 526 16.97 4.56 15.94
CA LYS B 526 17.44 3.38 16.67
C LYS B 526 16.29 2.70 17.34
N MET B 527 15.31 3.49 17.75
CA MET B 527 14.08 2.93 18.33
C MET B 527 13.37 2.02 17.31
N TYR B 528 13.33 2.41 16.05
CA TYR B 528 12.71 1.60 15.00
C TYR B 528 13.43 0.24 14.92
N GLU B 529 14.74 0.27 14.73
CA GLU B 529 15.56 -0.92 14.64
C GLU B 529 15.35 -1.88 15.82
N ASN B 530 15.28 -1.43 17.08
CA ASN B 530 15.09 -2.36 18.16
C ASN B 530 13.64 -2.65 18.53
N PHE B 531 12.63 -2.39 17.69
CA PHE B 531 11.25 -2.71 18.07
C PHE B 531 10.76 -1.89 19.27
N GLY B 532 11.38 -0.71 19.52
CA GLY B 532 10.86 0.14 20.58
C GLY B 532 9.69 1.00 20.05
N ARG B 533 9.18 1.87 20.89
CA ARG B 533 8.10 2.80 20.61
C ARG B 533 7.99 3.94 21.63
N LYS B 534 7.43 5.06 21.22
CA LYS B 534 7.24 6.26 22.04
C LYS B 534 5.75 6.42 22.33
N SER B 535 5.36 7.02 23.43
CA SER B 535 3.99 7.31 23.77
C SER B 535 3.31 8.41 22.94
N LEU B 536 2.06 8.20 22.61
CA LEU B 536 1.34 9.27 21.88
C LEU B 536 0.52 10.01 22.94
N TRP B 537 0.50 11.32 22.98
CA TRP B 537 -0.33 11.95 24.05
C TRP B 537 -1.61 12.53 23.46
N LEU B 538 -2.66 12.55 24.23
CA LEU B 538 -3.95 13.06 23.77
C LEU B 538 -4.45 14.18 24.70
N THR B 539 -4.67 13.88 25.97
CA THR B 539 -5.10 14.92 26.91
C THR B 539 -4.13 16.07 27.16
N LYS B 540 -4.75 17.21 27.50
CA LYS B 540 -4.07 18.48 27.69
C LYS B 540 -2.99 18.35 28.76
N GLN B 541 -3.36 17.72 29.86
CA GLN B 541 -2.44 17.50 30.98
C GLN B 541 -1.24 16.65 30.59
N ASP B 542 -1.42 15.58 29.79
CA ASP B 542 -0.26 14.86 29.28
C ASP B 542 0.51 15.72 28.30
N VAL B 543 -0.12 16.51 27.45
CA VAL B 543 0.66 17.31 26.50
C VAL B 543 1.48 18.34 27.28
N GLU B 544 0.88 18.96 28.29
CA GLU B 544 1.56 19.97 29.10
C GLU B 544 2.72 19.37 29.86
N ALA B 545 2.43 18.19 30.43
CA ALA B 545 3.49 17.50 31.17
C ALA B 545 4.64 17.09 30.26
N HIS B 546 4.50 16.92 28.95
CA HIS B 546 5.67 16.51 28.16
C HIS B 546 6.13 17.56 27.19
N LYS B 547 5.67 18.79 27.40
CA LYS B 547 5.94 19.87 26.46
C LYS B 547 7.40 20.19 26.32
N GLU B 548 7.99 20.32 25.14
CA GLU B 548 9.36 20.81 25.08
C GLU B 548 9.35 22.31 24.67
N SER B 549 8.31 22.77 23.97
CA SER B 549 8.22 24.13 23.51
C SER B 549 6.78 24.51 23.15
N GLN B 550 6.59 25.81 22.97
CA GLN B 550 5.32 26.44 22.72
C GLN B 550 5.42 27.65 21.82
N GLU B 551 4.51 27.83 20.87
CA GLU B 551 4.53 28.96 19.96
C GLU B 551 3.06 29.37 19.81
N VAL B 552 2.75 30.65 19.99
CA VAL B 552 1.35 31.09 19.89
C VAL B 552 1.24 32.05 18.71
N LEU B 553 0.22 31.94 17.88
CA LEU B 553 0.07 32.85 16.73
C LEU B 553 -1.28 33.58 16.92
N HIS B 554 -1.35 34.80 16.38
CA HIS B 554 -2.67 35.51 16.44
C HIS B 554 -3.03 35.79 15.00
N VAL B 555 -4.09 35.27 14.41
CA VAL B 555 -4.28 35.51 12.97
C VAL B 555 -5.77 35.71 12.69
N GLN B 556 -6.07 36.60 11.75
CA GLN B 556 -7.48 36.74 11.42
C GLN B 556 -7.67 36.52 9.92
N ARG B 557 -8.66 35.66 9.64
CA ARG B 557 -8.98 35.29 8.27
C ARG B 557 -9.32 36.57 7.51
#